data_4DD8
#
_entry.id   4DD8
#
_cell.length_a   91.600
_cell.length_b   50.900
_cell.length_c   93.500
_cell.angle_alpha   90.00
_cell.angle_beta   102.40
_cell.angle_gamma   90.00
#
_symmetry.space_group_name_H-M   'P 1 21 1'
#
loop_
_entity.id
_entity.type
_entity.pdbx_description
1 polymer 'Disintegrin and metalloproteinase domain-containing protein 8'
2 non-polymer 4-(N-HYDROXYAMINO)-2R-ISOBUTYL-2S-(2-THIENYLTHIOMETHYL)SUCCINYL-L-PHENYLALANINE-N-METHYLAMIDE
3 non-polymer 'CALCIUM ION'
4 non-polymer 'ZINC ION'
5 non-polymer 'SODIUM ION'
6 non-polymer 'CHLORIDE ION'
7 non-polymer 'POTASSIUM ION'
8 water water
#
_entity_poly.entity_id   1
_entity_poly.type   'polypeptide(L)'
_entity_poly.pdbx_seq_one_letter_code
;SRETRYVELYVVVDNAEFQMLGSEAAVRHRVLEVVNHVDKLYQKLNFRVVLVGLEIWNSQDRFHVSPDPSVTLENLLTWQ
ARQRTRRHLHDNVQLITGVDFTGTTVGFARVSAMCSHSSGAVNQDHSKNPVGVACTMAHEMGHNLGMDHDENVQGCRCQE
RFEAGRCIMAGSIGSSFPRMFSDCSQAYLESFLERPQSVCLANAPDLS
;
_entity_poly.pdbx_strand_id   A,B,C,D
#
# COMPACT_ATOMS: atom_id res chain seq x y z
N ARG A 2 24.19 4.03 19.97
CA ARG A 2 23.29 2.89 20.04
C ARG A 2 22.82 2.46 18.65
N GLU A 3 22.28 1.25 18.57
CA GLU A 3 21.80 0.71 17.32
C GLU A 3 20.50 1.39 16.90
N THR A 4 20.18 1.29 15.61
CA THR A 4 18.96 1.89 15.07
C THR A 4 17.70 1.29 15.71
N ARG A 5 16.73 2.14 16.02
CA ARG A 5 15.47 1.68 16.60
C ARG A 5 14.35 1.83 15.57
N TYR A 6 13.40 0.90 15.59
CA TYR A 6 12.34 0.88 14.58
C TYR A 6 10.94 0.90 15.21
N VAL A 7 10.11 1.84 14.75
CA VAL A 7 8.71 1.86 15.14
C VAL A 7 7.86 1.17 14.08
N GLU A 8 7.34 -0.01 14.38
CA GLU A 8 6.40 -0.68 13.50
C GLU A 8 5.01 -0.07 13.70
N LEU A 9 4.55 0.65 12.69
CA LEU A 9 3.42 1.56 12.86
C LEU A 9 2.16 1.08 12.19
N TYR A 10 1.04 1.21 12.89
CA TYR A 10 -0.26 0.88 12.32
C TYR A 10 -1.12 2.11 12.24
N VAL A 11 -1.55 2.45 11.03
CA VAL A 11 -2.35 3.65 10.82
C VAL A 11 -3.81 3.30 10.60
N VAL A 12 -4.68 4.06 11.26
CA VAL A 12 -6.11 3.97 11.00
C VAL A 12 -6.62 5.30 10.47
N VAL A 13 -7.34 5.24 9.35
CA VAL A 13 -7.96 6.43 8.78
C VAL A 13 -9.48 6.35 8.94
N ASP A 14 -10.06 7.33 9.60
CA ASP A 14 -11.49 7.28 9.89
C ASP A 14 -12.36 7.68 8.70
N ASN A 15 -13.67 7.70 8.93
CA ASN A 15 -14.66 7.98 7.90
C ASN A 15 -14.56 9.40 7.37
N ALA A 16 -14.44 10.37 8.27
CA ALA A 16 -14.34 11.77 7.89
C ALA A 16 -13.16 11.99 6.95
N GLU A 17 -11.99 11.48 7.32
CA GLU A 17 -10.80 11.59 6.48
C GLU A 17 -11.01 10.98 5.10
N PHE A 18 -11.60 9.79 5.07
CA PHE A 18 -11.85 9.10 3.81
C PHE A 18 -12.76 9.88 2.87
N GLN A 19 -13.87 10.38 3.39
CA GLN A 19 -14.82 11.13 2.58
C GLN A 19 -14.24 12.49 2.18
N MET A 20 -13.22 12.93 2.91
CA MET A 20 -12.55 14.19 2.62
C MET A 20 -11.58 14.02 1.44
N LEU A 21 -10.95 12.86 1.37
CA LEU A 21 -9.99 12.58 0.30
C LEU A 21 -10.67 11.96 -0.91
N GLY A 22 -11.84 11.36 -0.70
CA GLY A 22 -12.64 10.87 -1.80
C GLY A 22 -12.60 9.37 -2.02
N SER A 23 -11.40 8.82 -2.17
CA SER A 23 -11.26 7.41 -2.53
C SER A 23 -10.14 6.69 -1.79
N GLU A 24 -10.10 5.38 -1.95
CA GLU A 24 -9.12 4.51 -1.31
C GLU A 24 -7.69 4.82 -1.74
N ALA A 25 -7.50 5.04 -3.03
CA ALA A 25 -6.17 5.32 -3.56
C ALA A 25 -5.68 6.68 -3.08
N ALA A 26 -6.59 7.63 -2.97
CA ALA A 26 -6.24 8.98 -2.52
C ALA A 26 -5.76 8.95 -1.09
N VAL A 27 -6.30 8.02 -0.31
CA VAL A 27 -5.93 7.88 1.09
C VAL A 27 -4.57 7.19 1.20
N ARG A 28 -4.42 6.08 0.49
CA ARG A 28 -3.15 5.35 0.49
C ARG A 28 -2.00 6.26 0.05
N HIS A 29 -2.23 7.00 -1.04
CA HIS A 29 -1.26 8.00 -1.50
C HIS A 29 -0.88 8.94 -0.36
N ARG A 30 -1.88 9.50 0.30
CA ARG A 30 -1.65 10.52 1.33
C ARG A 30 -1.02 9.96 2.59
N VAL A 31 -1.40 8.74 2.96
CA VAL A 31 -0.81 8.08 4.12
C VAL A 31 0.67 7.85 3.89
N LEU A 32 1.02 7.34 2.71
CA LEU A 32 2.41 7.08 2.37
C LEU A 32 3.22 8.37 2.38
N GLU A 33 2.61 9.46 1.93
CA GLU A 33 3.22 10.78 2.02
C GLU A 33 3.61 11.04 3.48
N VAL A 34 2.59 11.09 4.32
CA VAL A 34 2.72 11.43 5.72
C VAL A 34 3.74 10.57 6.45
N VAL A 35 3.67 9.25 6.26
CA VAL A 35 4.58 8.32 6.94
C VAL A 35 6.01 8.46 6.45
N ASN A 36 6.18 8.75 5.17
CA ASN A 36 7.50 8.99 4.61
C ASN A 36 8.19 10.19 5.27
N HIS A 37 7.41 11.21 5.60
CA HIS A 37 7.99 12.41 6.19
C HIS A 37 8.28 12.20 7.67
N VAL A 38 7.35 11.56 8.37
CA VAL A 38 7.57 11.17 9.75
C VAL A 38 8.88 10.41 9.89
N ASP A 39 9.04 9.38 9.06
CA ASP A 39 10.27 8.59 9.03
C ASP A 39 11.48 9.48 8.73
N LYS A 40 11.30 10.50 7.89
CA LYS A 40 12.36 11.43 7.56
C LYS A 40 12.78 12.24 8.80
N LEU A 41 11.81 12.72 9.56
CA LEU A 41 12.09 13.47 10.77
C LEU A 41 12.81 12.65 11.83
N TYR A 42 12.46 11.37 11.93
CA TYR A 42 13.03 10.51 12.97
C TYR A 42 14.37 9.89 12.61
N GLN A 43 14.74 9.96 11.33
CA GLN A 43 16.06 9.47 10.89
C GLN A 43 17.16 10.25 11.59
N LYS A 44 16.86 11.49 11.98
CA LYS A 44 17.81 12.34 12.67
C LYS A 44 17.95 11.95 14.14
N LEU A 45 17.20 10.91 14.53
CA LEU A 45 17.26 10.37 15.89
C LEU A 45 17.70 8.91 15.88
N ASN A 46 18.29 8.47 14.77
CA ASN A 46 18.61 7.06 14.57
C ASN A 46 17.36 6.20 14.77
N PHE A 47 16.25 6.68 14.23
CA PHE A 47 14.98 5.98 14.31
C PHE A 47 14.40 5.79 12.92
N ARG A 48 13.82 4.62 12.67
CA ARG A 48 13.09 4.40 11.44
C ARG A 48 11.63 4.19 11.79
N VAL A 49 10.74 4.81 11.03
CA VAL A 49 9.30 4.62 11.24
C VAL A 49 8.70 3.89 10.03
N VAL A 50 8.31 2.64 10.23
CA VAL A 50 7.84 1.81 9.14
C VAL A 50 6.35 1.46 9.22
N LEU A 51 5.63 1.72 8.15
CA LEU A 51 4.22 1.37 8.09
C LEU A 51 4.06 -0.14 7.89
N VAL A 52 3.43 -0.81 8.86
CA VAL A 52 3.25 -2.25 8.80
C VAL A 52 1.79 -2.66 8.58
N GLY A 53 0.89 -1.70 8.73
CA GLY A 53 -0.54 -1.97 8.56
C GLY A 53 -1.37 -0.71 8.36
N LEU A 54 -2.44 -0.84 7.60
CA LEU A 54 -3.32 0.29 7.31
C LEU A 54 -4.79 -0.13 7.28
N GLU A 55 -5.62 0.62 7.98
CA GLU A 55 -7.04 0.35 8.03
C GLU A 55 -7.85 1.59 7.70
N ILE A 56 -8.69 1.48 6.68
CA ILE A 56 -9.48 2.61 6.21
C ILE A 56 -10.96 2.33 6.41
N TRP A 57 -11.61 3.18 7.20
CA TRP A 57 -13.03 3.03 7.46
C TRP A 57 -13.85 3.76 6.40
N ASN A 58 -14.14 3.06 5.31
CA ASN A 58 -14.84 3.63 4.16
C ASN A 58 -16.33 3.76 4.38
N SER A 59 -16.84 3.16 5.45
CA SER A 59 -18.27 3.14 5.72
C SER A 59 -18.60 3.85 7.03
N GLN A 60 -18.22 3.23 8.14
CA GLN A 60 -18.41 3.84 9.45
C GLN A 60 -17.24 3.52 10.37
N ASP A 61 -17.02 4.39 11.35
CA ASP A 61 -15.94 4.21 12.31
C ASP A 61 -16.31 3.13 13.32
N ARG A 62 -15.33 2.29 13.67
CA ARG A 62 -15.56 1.19 14.60
C ARG A 62 -15.76 1.71 16.02
N PHE A 63 -15.49 3.00 16.20
CA PHE A 63 -15.77 3.68 17.45
C PHE A 63 -16.08 5.14 17.20
N HIS A 64 -16.58 5.83 18.23
CA HIS A 64 -16.92 7.24 18.08
C HIS A 64 -15.67 8.12 18.07
N VAL A 65 -15.47 8.82 16.96
CA VAL A 65 -14.42 9.83 16.90
C VAL A 65 -15.02 11.17 17.31
N SER A 66 -14.64 11.63 18.50
CA SER A 66 -15.23 12.84 19.06
C SER A 66 -14.34 14.05 18.87
N PRO A 67 -14.94 15.24 18.75
CA PRO A 67 -14.23 16.52 18.70
C PRO A 67 -13.22 16.66 19.83
N ASP A 68 -13.48 15.99 20.96
CA ASP A 68 -12.53 15.97 22.07
C ASP A 68 -11.50 14.86 21.87
N PRO A 69 -10.22 15.24 21.77
CA PRO A 69 -9.10 14.31 21.50
C PRO A 69 -8.95 13.24 22.56
N SER A 70 -9.19 13.61 23.82
CA SER A 70 -9.06 12.67 24.92
C SER A 70 -10.02 11.50 24.74
N VAL A 71 -11.27 11.82 24.45
CA VAL A 71 -12.30 10.82 24.22
C VAL A 71 -11.93 9.90 23.08
N THR A 72 -11.61 10.50 21.93
CA THR A 72 -11.27 9.74 20.74
C THR A 72 -10.05 8.85 20.97
N LEU A 73 -9.04 9.40 21.64
CA LEU A 73 -7.82 8.65 21.94
C LEU A 73 -8.14 7.46 22.83
N GLU A 74 -8.93 7.70 23.87
CA GLU A 74 -9.35 6.66 24.79
C GLU A 74 -10.17 5.59 24.06
N ASN A 75 -11.04 6.04 23.17
CA ASN A 75 -11.83 5.13 22.35
C ASN A 75 -10.95 4.26 21.45
N LEU A 76 -9.87 4.86 20.95
CA LEU A 76 -8.93 4.15 20.10
C LEU A 76 -8.23 3.05 20.89
N LEU A 77 -7.69 3.42 22.04
CA LEU A 77 -6.94 2.47 22.86
C LEU A 77 -7.86 1.37 23.37
N THR A 78 -9.08 1.74 23.74
CA THR A 78 -10.09 0.79 24.19
C THR A 78 -10.47 -0.18 23.06
N TRP A 79 -10.74 0.39 21.89
CA TRP A 79 -11.11 -0.40 20.73
C TRP A 79 -9.95 -1.30 20.28
N GLN A 80 -8.74 -0.77 20.29
CA GLN A 80 -7.57 -1.52 19.85
C GLN A 80 -7.32 -2.74 20.73
N ALA A 81 -7.36 -2.52 22.04
CA ALA A 81 -7.15 -3.59 23.00
C ALA A 81 -8.09 -4.76 22.75
N ARG A 82 -9.33 -4.44 22.38
CA ARG A 82 -10.33 -5.47 22.09
C ARG A 82 -10.20 -5.99 20.67
N ARG A 87 -4.33 -10.96 17.85
CA ARG A 87 -4.62 -9.89 16.91
C ARG A 87 -3.37 -9.49 16.11
N HIS A 88 -3.02 -8.20 16.16
CA HIS A 88 -1.90 -7.68 15.39
C HIS A 88 -0.54 -8.00 16.02
N LEU A 89 0.40 -7.08 15.86
CA LEU A 89 1.76 -7.28 16.38
C LEU A 89 2.59 -5.99 16.28
N HIS A 90 1.93 -4.85 16.14
CA HIS A 90 2.62 -3.58 15.96
C HIS A 90 3.08 -2.96 17.27
N ASP A 91 3.84 -1.87 17.17
CA ASP A 91 4.38 -1.18 18.34
C ASP A 91 3.53 0.02 18.69
N ASN A 92 2.89 0.60 17.68
CA ASN A 92 2.22 1.89 17.83
C ASN A 92 1.06 2.03 16.85
N VAL A 93 -0.03 2.66 17.31
CA VAL A 93 -1.18 2.92 16.45
C VAL A 93 -1.49 4.41 16.36
N GLN A 94 -1.56 4.92 15.13
CA GLN A 94 -1.84 6.34 14.91
C GLN A 94 -3.12 6.53 14.10
N LEU A 95 -4.09 7.22 14.69
CA LEU A 95 -5.36 7.50 14.02
C LEU A 95 -5.29 8.84 13.29
N ILE A 96 -5.75 8.84 12.05
CA ILE A 96 -5.84 10.07 11.27
C ILE A 96 -7.30 10.36 10.98
N THR A 97 -7.78 11.52 11.43
CA THR A 97 -9.20 11.85 11.25
C THR A 97 -9.46 13.15 10.50
N GLY A 98 -10.61 13.20 9.82
CA GLY A 98 -11.05 14.40 9.13
C GLY A 98 -12.00 15.19 10.02
N VAL A 99 -12.17 14.71 11.25
CA VAL A 99 -12.94 15.41 12.25
C VAL A 99 -12.15 16.58 12.82
N ASP A 100 -12.77 17.75 12.89
CA ASP A 100 -12.10 18.93 13.41
C ASP A 100 -12.22 19.03 14.93
N PHE A 101 -11.11 18.77 15.62
CA PHE A 101 -11.10 18.79 17.08
C PHE A 101 -11.45 20.16 17.65
N THR A 102 -12.08 20.14 18.82
CA THR A 102 -12.50 21.35 19.52
C THR A 102 -11.33 22.30 19.74
N GLY A 103 -11.56 23.58 19.48
CA GLY A 103 -10.51 24.57 19.62
C GLY A 103 -9.47 24.42 18.53
N THR A 104 -8.21 24.70 18.86
CA THR A 104 -7.13 24.63 17.89
C THR A 104 -6.34 23.33 18.00
N THR A 105 -6.82 22.40 18.82
CA THR A 105 -6.14 21.14 19.03
C THR A 105 -6.19 20.26 17.79
N VAL A 106 -5.04 19.74 17.37
CA VAL A 106 -4.96 18.88 16.20
C VAL A 106 -4.29 17.54 16.48
N GLY A 107 -3.93 17.29 17.74
CA GLY A 107 -3.30 16.05 18.11
C GLY A 107 -3.32 15.75 19.60
N PHE A 108 -3.38 14.47 19.93
CA PHE A 108 -3.36 14.04 21.33
C PHE A 108 -2.78 12.64 21.45
N ALA A 109 -2.01 12.40 22.50
CA ALA A 109 -1.30 11.14 22.63
C ALA A 109 -1.19 10.67 24.08
N ARG A 110 -1.05 9.37 24.24
CA ARG A 110 -0.76 8.76 25.54
C ARG A 110 0.74 8.87 25.79
N VAL A 111 1.12 9.44 26.92
CA VAL A 111 2.54 9.71 27.20
C VAL A 111 3.29 8.45 27.61
N SER A 112 4.52 8.32 27.11
CA SER A 112 5.37 7.18 27.43
C SER A 112 4.68 5.83 27.30
N ALA A 113 3.77 5.70 26.35
CA ALA A 113 2.99 4.48 26.20
C ALA A 113 3.51 3.58 25.09
N MET A 114 4.54 4.02 24.39
CA MET A 114 5.13 3.24 23.31
C MET A 114 5.33 1.79 23.73
N CYS A 115 4.88 0.86 22.89
CA CYS A 115 5.05 -0.58 23.10
C CYS A 115 4.03 -1.18 24.06
N SER A 116 3.39 -0.33 24.85
CA SER A 116 2.37 -0.80 25.77
C SER A 116 1.07 -1.09 25.04
N HIS A 117 0.08 -1.58 25.76
CA HIS A 117 -1.23 -1.85 25.19
C HIS A 117 -1.98 -0.54 24.95
N SER A 118 -1.48 0.54 25.55
CA SER A 118 -2.05 1.86 25.36
C SER A 118 -1.15 2.72 24.46
N SER A 119 -0.47 2.07 23.53
CA SER A 119 0.45 2.74 22.62
C SER A 119 -0.29 3.31 21.41
N GLY A 120 -0.61 4.60 21.47
CA GLY A 120 -1.34 5.24 20.39
C GLY A 120 -1.49 6.76 20.50
N ALA A 121 -2.06 7.36 19.46
CA ALA A 121 -2.29 8.79 19.41
C ALA A 121 -3.31 9.14 18.33
N VAL A 122 -3.86 10.34 18.38
CA VAL A 122 -4.84 10.76 17.38
C VAL A 122 -4.41 12.06 16.69
N ASN A 123 -4.60 12.11 15.37
CA ASN A 123 -4.12 13.21 14.57
C ASN A 123 -5.18 13.71 13.59
N GLN A 124 -5.40 15.02 13.59
CA GLN A 124 -6.32 15.64 12.64
C GLN A 124 -5.55 16.06 11.39
N ASP A 125 -6.11 15.74 10.22
CA ASP A 125 -5.52 16.18 8.96
C ASP A 125 -5.91 17.63 8.73
N HIS A 126 -5.19 18.54 9.37
CA HIS A 126 -5.55 19.95 9.43
C HIS A 126 -5.01 20.76 8.27
N SER A 127 -4.09 20.19 7.49
CA SER A 127 -3.43 20.94 6.44
C SER A 127 -3.47 20.25 5.08
N LYS A 128 -3.67 21.04 4.03
CA LYS A 128 -3.60 20.53 2.67
C LYS A 128 -2.26 19.84 2.45
N ASN A 129 -1.19 20.50 2.87
CA ASN A 129 0.14 19.88 2.87
C ASN A 129 0.15 18.67 3.79
N PRO A 130 0.44 17.49 3.24
CA PRO A 130 0.52 16.28 4.06
C PRO A 130 1.52 16.41 5.20
N VAL A 131 2.47 17.34 5.06
CA VAL A 131 3.47 17.58 6.09
C VAL A 131 2.82 18.02 7.39
N GLY A 132 1.72 18.76 7.28
CA GLY A 132 0.98 19.24 8.44
C GLY A 132 0.63 18.14 9.42
N VAL A 133 0.01 17.08 8.92
CA VAL A 133 -0.41 15.97 9.78
C VAL A 133 0.77 15.04 10.08
N ALA A 134 1.82 15.12 9.26
CA ALA A 134 3.03 14.33 9.49
C ALA A 134 3.82 14.87 10.68
N CYS A 135 3.89 16.20 10.79
CA CYS A 135 4.55 16.81 11.95
C CYS A 135 3.75 16.58 13.23
N THR A 136 2.43 16.65 13.13
CA THR A 136 1.56 16.39 14.27
C THR A 136 1.80 14.98 14.79
N MET A 137 1.86 14.02 13.88
CA MET A 137 2.05 12.63 14.25
C MET A 137 3.46 12.37 14.79
N ALA A 138 4.45 13.06 14.27
CA ALA A 138 5.80 12.93 14.79
C ALA A 138 5.82 13.48 16.21
N HIS A 139 5.11 14.58 16.41
CA HIS A 139 4.98 15.20 17.73
C HIS A 139 4.28 14.24 18.69
N GLU A 140 3.10 13.76 18.29
CA GLU A 140 2.35 12.80 19.09
C GLU A 140 3.14 11.53 19.36
N MET A 141 3.80 11.03 18.32
CA MET A 141 4.65 9.85 18.46
C MET A 141 5.75 10.13 19.48
N GLY A 142 6.16 11.39 19.55
CA GLY A 142 7.19 11.81 20.48
C GLY A 142 6.75 11.69 21.93
N HIS A 143 5.50 12.04 22.20
CA HIS A 143 4.90 11.84 23.51
C HIS A 143 4.90 10.36 23.89
N ASN A 144 4.49 9.52 22.95
CA ASN A 144 4.50 8.08 23.15
C ASN A 144 5.90 7.60 23.53
N LEU A 145 6.90 8.35 23.08
CA LEU A 145 8.30 7.98 23.31
C LEU A 145 8.93 8.72 24.49
N GLY A 146 8.10 9.41 25.28
CA GLY A 146 8.57 10.01 26.52
C GLY A 146 9.02 11.46 26.43
N MET A 147 8.66 12.13 25.33
CA MET A 147 9.03 13.52 25.15
C MET A 147 7.98 14.46 25.73
N ASP A 148 8.43 15.58 26.30
CA ASP A 148 7.53 16.61 26.81
C ASP A 148 7.53 17.79 25.83
N HIS A 149 6.83 18.86 26.14
CA HIS A 149 6.92 20.06 25.33
C HIS A 149 8.21 20.83 25.64
N ASP A 150 8.78 21.45 24.61
CA ASP A 150 10.03 22.19 24.74
C ASP A 150 9.95 23.27 25.79
N GLU A 151 8.76 23.82 25.97
CA GLU A 151 8.59 24.93 26.91
C GLU A 151 8.52 24.44 28.36
N ASN A 152 8.31 23.14 28.56
CA ASN A 152 8.23 22.54 29.88
C ASN A 152 9.57 22.05 30.42
N VAL A 153 10.62 22.19 29.61
CA VAL A 153 11.97 21.84 30.02
C VAL A 153 12.83 23.11 30.05
N GLN A 154 13.14 23.58 31.24
CA GLN A 154 13.91 24.81 31.42
C GLN A 154 15.28 24.73 30.77
N GLY A 155 15.63 25.76 30.01
CA GLY A 155 16.92 25.83 29.35
C GLY A 155 17.02 24.94 28.14
N CYS A 156 15.91 24.32 27.76
CA CYS A 156 15.87 23.51 26.55
C CYS A 156 16.39 24.31 25.37
N ARG A 157 17.32 23.73 24.63
CA ARG A 157 17.92 24.40 23.49
C ARG A 157 17.47 23.77 22.17
N CYS A 158 16.95 24.60 21.28
N CYS A 158 16.92 24.59 21.29
CA CYS A 158 16.50 24.16 19.97
CA CYS A 158 16.52 24.11 19.97
C CYS A 158 17.40 24.77 18.89
C CYS A 158 17.39 24.75 18.90
N GLN A 159 17.92 23.93 18.00
CA GLN A 159 18.88 24.39 17.01
C GLN A 159 18.27 24.74 15.65
N GLU A 160 16.99 25.07 15.64
CA GLU A 160 16.33 25.52 14.42
C GLU A 160 16.69 26.97 14.16
N ARG A 161 17.53 27.21 13.17
CA ARG A 161 18.05 28.55 12.88
C ARG A 161 17.02 29.43 12.17
N PHE A 162 16.07 28.82 11.49
CA PHE A 162 15.12 29.56 10.67
C PHE A 162 13.81 29.88 11.39
N GLU A 163 12.89 30.53 10.66
CA GLU A 163 11.59 30.93 11.19
C GLU A 163 11.64 31.49 12.61
N ALA A 164 10.91 30.84 13.51
CA ALA A 164 10.84 31.28 14.91
C ALA A 164 11.68 30.40 15.81
N GLY A 165 12.48 29.53 15.21
CA GLY A 165 13.37 28.66 15.96
C GLY A 165 12.63 27.68 16.85
N ARG A 166 11.46 27.22 16.41
CA ARG A 166 10.70 26.22 17.15
C ARG A 166 11.02 24.81 16.67
N CYS A 167 10.98 23.85 17.58
CA CYS A 167 11.24 22.46 17.21
C CYS A 167 9.96 21.62 17.16
N ILE A 168 10.11 20.34 16.87
CA ILE A 168 8.96 19.45 16.74
C ILE A 168 8.07 19.42 17.97
N MET A 169 8.68 19.41 19.16
CA MET A 169 7.90 19.21 20.38
C MET A 169 7.43 20.49 21.05
N ALA A 170 7.39 21.59 20.31
CA ALA A 170 6.74 22.79 20.81
C ALA A 170 5.27 22.48 20.98
N GLY A 171 4.64 23.08 21.99
CA GLY A 171 3.24 22.82 22.27
C GLY A 171 2.31 23.52 21.30
N SER A 172 2.89 24.18 20.31
CA SER A 172 2.11 24.86 19.29
C SER A 172 2.89 24.95 17.98
N ILE A 173 2.19 24.71 16.87
CA ILE A 173 2.83 24.71 15.56
C ILE A 173 3.19 26.12 15.09
N GLY A 174 2.23 27.03 15.17
CA GLY A 174 2.45 28.37 14.68
C GLY A 174 2.22 28.46 13.18
N SER A 175 2.99 29.33 12.52
N SER A 175 2.99 29.32 12.51
CA SER A 175 2.81 29.58 11.09
CA SER A 175 2.80 29.59 11.09
C SER A 175 3.74 28.77 10.20
C SER A 175 3.72 28.72 10.21
N SER A 176 4.63 28.00 10.83
CA SER A 176 5.59 27.18 10.10
C SER A 176 5.77 25.78 10.71
N PHE A 177 5.66 24.75 9.87
CA PHE A 177 5.82 23.38 10.34
C PHE A 177 7.24 23.12 10.83
N PRO A 178 7.36 22.45 11.99
CA PRO A 178 8.67 22.13 12.61
C PRO A 178 9.44 21.08 11.82
N ARG A 179 10.77 21.07 11.96
CA ARG A 179 11.62 20.21 11.14
C ARG A 179 12.61 19.37 11.93
N MET A 180 12.95 19.82 13.13
CA MET A 180 13.95 19.10 13.94
C MET A 180 13.54 18.91 15.39
N PHE A 181 14.30 18.08 16.09
CA PHE A 181 14.05 17.83 17.50
C PHE A 181 15.02 18.63 18.35
N SER A 182 14.49 19.30 19.35
CA SER A 182 15.33 20.03 20.31
C SER A 182 16.27 19.07 21.03
N ASP A 183 17.21 19.63 21.79
N ASP A 183 17.21 19.62 21.78
CA ASP A 183 18.17 18.81 22.53
CA ASP A 183 18.17 18.81 22.53
C ASP A 183 17.51 18.05 23.67
C ASP A 183 17.50 18.04 23.67
N CYS A 184 16.47 18.64 24.26
CA CYS A 184 15.74 17.99 25.34
C CYS A 184 14.86 16.84 24.81
N SER A 185 14.34 17.00 23.60
CA SER A 185 13.63 15.92 22.93
C SER A 185 14.53 14.71 22.91
N GLN A 186 15.72 14.90 22.36
CA GLN A 186 16.68 13.81 22.21
C GLN A 186 17.03 13.19 23.57
N ALA A 187 17.29 14.03 24.56
CA ALA A 187 17.68 13.54 25.89
C ALA A 187 16.59 12.68 26.52
N TYR A 188 15.35 13.16 26.45
CA TYR A 188 14.20 12.45 26.99
C TYR A 188 13.94 11.12 26.27
N LEU A 189 14.20 11.09 24.98
CA LEU A 189 14.03 9.86 24.20
C LEU A 189 15.04 8.82 24.63
N GLU A 190 16.25 9.27 24.95
CA GLU A 190 17.30 8.36 25.39
C GLU A 190 16.95 7.76 26.74
N SER A 191 16.36 8.58 27.61
CA SER A 191 15.92 8.12 28.92
C SER A 191 14.82 7.07 28.77
N PHE A 192 13.87 7.33 27.87
CA PHE A 192 12.79 6.38 27.63
C PHE A 192 13.33 5.04 27.15
N LEU A 193 14.43 5.08 26.40
CA LEU A 193 15.02 3.86 25.87
C LEU A 193 15.74 3.08 26.96
N GLU A 194 15.66 3.59 28.20
CA GLU A 194 16.15 2.86 29.37
C GLU A 194 15.09 1.90 29.85
N ARG A 195 13.83 2.32 29.78
CA ARG A 195 12.71 1.49 30.24
C ARG A 195 12.72 0.14 29.52
N PRO A 196 12.53 -0.93 30.29
CA PRO A 196 12.52 -2.29 29.74
C PRO A 196 11.41 -2.46 28.72
N GLN A 197 10.39 -1.61 28.80
CA GLN A 197 9.25 -1.71 27.90
C GLN A 197 9.61 -1.27 26.48
N SER A 198 10.70 -0.53 26.35
CA SER A 198 11.14 -0.04 25.05
C SER A 198 11.80 -1.13 24.22
N VAL A 199 11.63 -2.38 24.64
CA VAL A 199 12.26 -3.52 23.98
C VAL A 199 11.66 -3.76 22.59
N CYS A 200 10.37 -3.46 22.44
CA CYS A 200 9.67 -3.68 21.18
C CYS A 200 10.21 -2.82 20.04
N LEU A 201 11.06 -1.85 20.35
CA LEU A 201 11.64 -0.99 19.32
C LEU A 201 12.94 -1.59 18.79
N ALA A 202 13.33 -2.75 19.33
CA ALA A 202 14.62 -3.33 19.02
C ALA A 202 14.61 -4.16 17.73
N ASN A 203 13.42 -4.59 17.32
CA ASN A 203 13.30 -5.47 16.16
C ASN A 203 13.18 -4.71 14.84
N ALA A 204 14.16 -4.89 13.97
CA ALA A 204 14.09 -4.32 12.64
C ALA A 204 13.23 -5.22 11.75
N PRO A 205 12.16 -4.66 11.17
CA PRO A 205 11.24 -5.40 10.30
C PRO A 205 11.86 -5.75 8.95
N ASP A 206 11.09 -6.38 8.08
CA ASP A 206 11.57 -6.77 6.75
C ASP A 206 10.57 -6.42 5.66
N ARG B 2 -22.89 -10.72 -9.97
CA ARG B 2 -22.14 -9.84 -9.10
C ARG B 2 -21.98 -8.47 -9.72
N GLU B 3 -21.45 -7.53 -8.95
CA GLU B 3 -21.15 -6.20 -9.46
C GLU B 3 -19.89 -6.25 -10.31
N THR B 4 -19.68 -5.23 -11.12
CA THR B 4 -18.49 -5.14 -11.95
C THR B 4 -17.25 -5.02 -11.07
N ARG B 5 -16.18 -5.69 -11.46
CA ARG B 5 -14.91 -5.57 -10.78
C ARG B 5 -13.97 -4.72 -11.62
N TYR B 6 -13.12 -3.93 -10.97
CA TYR B 6 -12.20 -3.05 -11.68
C TYR B 6 -10.75 -3.30 -11.29
N VAL B 7 -9.88 -3.40 -12.29
CA VAL B 7 -8.45 -3.50 -12.05
C VAL B 7 -7.77 -2.15 -12.30
N GLU B 8 -7.28 -1.52 -11.25
CA GLU B 8 -6.53 -0.28 -11.39
C GLU B 8 -5.09 -0.63 -11.77
N LEU B 9 -4.79 -0.56 -13.06
CA LEU B 9 -3.54 -1.06 -13.60
C LEU B 9 -2.43 -0.01 -13.65
N TYR B 10 -1.21 -0.44 -13.37
CA TYR B 10 -0.04 0.43 -13.45
C TYR B 10 0.97 -0.18 -14.41
N VAL B 11 1.24 0.51 -15.52
CA VAL B 11 2.15 -0.03 -16.52
C VAL B 11 3.53 0.60 -16.43
N VAL B 12 4.54 -0.25 -16.53
CA VAL B 12 5.92 0.19 -16.63
C VAL B 12 6.49 -0.24 -17.98
N VAL B 13 7.06 0.72 -18.70
CA VAL B 13 7.66 0.41 -19.99
C VAL B 13 9.18 0.58 -19.92
N ASP B 14 9.90 -0.48 -20.25
CA ASP B 14 11.35 -0.46 -20.10
C ASP B 14 12.04 0.36 -21.18
N ASN B 15 13.35 0.53 -21.06
CA ASN B 15 14.10 1.37 -21.98
C ASN B 15 14.29 0.73 -23.36
N ALA B 16 14.24 -0.60 -23.41
CA ALA B 16 14.32 -1.30 -24.69
C ALA B 16 13.08 -1.02 -25.53
N GLU B 17 11.92 -1.09 -24.90
CA GLU B 17 10.66 -0.79 -25.57
C GLU B 17 10.64 0.66 -26.03
N PHE B 18 11.03 1.56 -25.14
CA PHE B 18 11.07 2.98 -25.43
C PHE B 18 11.88 3.28 -26.69
N GLN B 19 13.06 2.69 -26.79
CA GLN B 19 13.95 2.94 -27.91
C GLN B 19 13.49 2.28 -29.20
N MET B 20 12.58 1.31 -29.08
CA MET B 20 12.00 0.64 -30.24
C MET B 20 10.88 1.47 -30.85
N LEU B 21 10.13 2.17 -30.00
CA LEU B 21 9.05 3.03 -30.47
C LEU B 21 9.55 4.43 -30.82
N GLY B 22 10.64 4.86 -30.18
CA GLY B 22 11.30 6.09 -30.55
C GLY B 22 11.05 7.29 -29.66
N SER B 23 9.80 7.49 -29.27
CA SER B 23 9.44 8.65 -28.47
C SER B 23 8.48 8.29 -27.35
N GLU B 24 8.33 9.19 -26.38
CA GLU B 24 7.40 9.00 -25.28
C GLU B 24 5.96 9.03 -25.79
N ALA B 25 5.70 9.90 -26.76
CA ALA B 25 4.39 9.99 -27.38
C ALA B 25 4.00 8.68 -28.04
N ALA B 26 4.95 8.06 -28.75
CA ALA B 26 4.69 6.81 -29.45
C ALA B 26 4.39 5.69 -28.44
N VAL B 27 4.93 5.83 -27.24
CA VAL B 27 4.72 4.86 -26.18
C VAL B 27 3.34 4.99 -25.56
N ARG B 28 2.99 6.19 -25.10
CA ARG B 28 1.66 6.43 -24.55
C ARG B 28 0.59 5.97 -25.52
N HIS B 29 0.74 6.34 -26.79
CA HIS B 29 -0.14 5.89 -27.85
C HIS B 29 -0.28 4.37 -27.86
N ARG B 30 0.86 3.68 -27.88
CA ARG B 30 0.85 2.23 -27.97
C ARG B 30 0.27 1.57 -26.73
N VAL B 31 0.60 2.12 -25.57
CA VAL B 31 0.09 1.58 -24.30
C VAL B 31 -1.42 1.73 -24.18
N LEU B 32 -1.95 2.85 -24.65
CA LEU B 32 -3.38 3.11 -24.59
C LEU B 32 -4.13 2.21 -25.56
N GLU B 33 -3.46 1.78 -26.62
CA GLU B 33 -4.04 0.82 -27.55
C GLU B 33 -4.17 -0.52 -26.84
N VAL B 34 -3.03 -1.01 -26.38
CA VAL B 34 -2.94 -2.30 -25.70
C VAL B 34 -3.91 -2.38 -24.53
N VAL B 35 -3.88 -1.39 -23.65
CA VAL B 35 -4.77 -1.33 -22.50
C VAL B 35 -6.23 -1.34 -22.92
N ASN B 36 -6.52 -0.65 -24.02
CA ASN B 36 -7.87 -0.56 -24.55
C ASN B 36 -8.40 -1.93 -24.98
N HIS B 37 -7.51 -2.76 -25.50
CA HIS B 37 -7.89 -4.07 -25.98
C HIS B 37 -8.00 -5.07 -24.83
N VAL B 38 -7.12 -4.91 -23.85
CA VAL B 38 -7.17 -5.73 -22.65
C VAL B 38 -8.51 -5.53 -21.96
N ASP B 39 -8.91 -4.27 -21.82
CA ASP B 39 -10.19 -3.95 -21.21
C ASP B 39 -11.35 -4.50 -22.05
N LYS B 40 -11.15 -4.55 -23.37
CA LYS B 40 -12.13 -5.15 -24.27
C LYS B 40 -12.33 -6.62 -23.95
N LEU B 41 -11.22 -7.33 -23.77
CA LEU B 41 -11.26 -8.76 -23.51
C LEU B 41 -11.90 -9.08 -22.17
N TYR B 42 -11.71 -8.19 -21.20
CA TYR B 42 -12.18 -8.43 -19.84
C TYR B 42 -13.61 -7.96 -19.57
N GLN B 43 -14.17 -7.17 -20.48
CA GLN B 43 -15.56 -6.74 -20.33
C GLN B 43 -16.50 -7.92 -20.47
N LYS B 44 -16.01 -8.99 -21.10
CA LYS B 44 -16.79 -10.21 -21.26
C LYS B 44 -16.77 -11.01 -19.97
N LEU B 45 -16.05 -10.49 -18.97
CA LEU B 45 -15.95 -11.11 -17.65
C LEU B 45 -16.62 -10.21 -16.62
N ASN B 46 -17.38 -9.23 -17.08
CA ASN B 46 -17.90 -8.20 -16.20
C ASN B 46 -16.75 -7.58 -15.39
N PHE B 47 -15.61 -7.41 -16.06
CA PHE B 47 -14.41 -6.82 -15.48
C PHE B 47 -14.00 -5.59 -16.28
N ARG B 48 -13.47 -4.59 -15.58
CA ARG B 48 -12.96 -3.39 -16.23
C ARG B 48 -11.47 -3.26 -15.94
N VAL B 49 -10.69 -2.89 -16.95
CA VAL B 49 -9.27 -2.73 -16.77
C VAL B 49 -8.87 -1.29 -17.09
N VAL B 50 -8.50 -0.53 -16.04
CA VAL B 50 -8.24 0.90 -16.19
C VAL B 50 -6.79 1.26 -15.95
N LEU B 51 -6.20 1.99 -16.88
CA LEU B 51 -4.85 2.51 -16.69
C LEU B 51 -4.91 3.73 -15.77
N VAL B 52 -4.22 3.66 -14.64
CA VAL B 52 -4.22 4.77 -13.69
C VAL B 52 -2.82 5.33 -13.45
N GLY B 53 -1.82 4.71 -14.06
CA GLY B 53 -0.44 5.17 -13.93
C GLY B 53 0.47 4.62 -15.00
N LEU B 54 1.45 5.41 -15.39
CA LEU B 54 2.37 5.00 -16.44
C LEU B 54 3.78 5.47 -16.14
N GLU B 55 4.76 4.56 -16.29
CA GLU B 55 6.15 4.89 -16.04
C GLU B 55 7.01 4.46 -17.21
N ILE B 56 7.64 5.42 -17.87
CA ILE B 56 8.45 5.16 -19.06
C ILE B 56 9.93 5.39 -18.78
N TRP B 57 10.71 4.32 -18.88
CA TRP B 57 12.14 4.41 -18.61
C TRP B 57 12.91 4.93 -19.82
N ASN B 58 12.89 6.25 -20.00
CA ASN B 58 13.46 6.88 -21.18
C ASN B 58 14.93 7.24 -21.03
N SER B 59 15.46 7.14 -19.81
CA SER B 59 16.87 7.39 -19.59
C SER B 59 17.61 6.07 -19.43
N GLN B 60 17.23 5.33 -18.40
CA GLN B 60 17.82 4.02 -18.13
C GLN B 60 16.91 3.23 -17.21
N ASP B 61 16.91 1.90 -17.37
CA ASP B 61 16.07 1.02 -16.55
C ASP B 61 16.32 1.18 -15.05
N ARG B 62 15.31 0.82 -14.26
CA ARG B 62 15.40 0.90 -12.80
C ARG B 62 15.88 -0.42 -12.20
N PHE B 63 15.82 -1.48 -13.02
CA PHE B 63 16.41 -2.76 -12.65
C PHE B 63 16.78 -3.54 -13.91
N HIS B 64 17.51 -4.63 -13.75
CA HIS B 64 17.95 -5.42 -14.88
C HIS B 64 16.81 -6.21 -15.49
N VAL B 65 16.54 -5.98 -16.78
CA VAL B 65 15.58 -6.79 -17.52
C VAL B 65 16.32 -7.88 -18.29
N SER B 66 16.19 -9.12 -17.81
CA SER B 66 16.92 -10.22 -18.38
C SER B 66 16.14 -10.90 -19.50
N PRO B 67 16.85 -11.56 -20.42
CA PRO B 67 16.26 -12.42 -21.45
C PRO B 67 15.46 -13.54 -20.80
N ASP B 68 15.78 -13.86 -19.55
CA ASP B 68 15.04 -14.86 -18.81
C ASP B 68 13.85 -14.20 -18.12
N PRO B 69 12.64 -14.67 -18.42
CA PRO B 69 11.42 -14.08 -17.86
C PRO B 69 11.31 -14.35 -16.36
N SER B 70 11.97 -15.42 -15.90
CA SER B 70 11.98 -15.74 -14.49
C SER B 70 12.74 -14.67 -13.74
N VAL B 71 13.93 -14.35 -14.23
CA VAL B 71 14.77 -13.32 -13.63
C VAL B 71 14.04 -11.99 -13.62
N THR B 72 13.54 -11.59 -14.78
CA THR B 72 12.88 -10.31 -14.95
C THR B 72 11.66 -10.17 -14.05
N LEU B 73 10.86 -11.23 -13.96
CA LEU B 73 9.69 -11.21 -13.08
C LEU B 73 10.10 -10.96 -11.63
N GLU B 74 11.09 -11.72 -11.16
CA GLU B 74 11.58 -11.60 -9.79
C GLU B 74 12.02 -10.17 -9.52
N ASN B 75 12.84 -9.63 -10.41
CA ASN B 75 13.28 -8.26 -10.29
C ASN B 75 12.11 -7.28 -10.20
N LEU B 76 11.06 -7.56 -10.97
CA LEU B 76 9.87 -6.71 -10.96
C LEU B 76 9.20 -6.74 -9.59
N LEU B 77 8.99 -7.94 -9.06
CA LEU B 77 8.30 -8.10 -7.79
C LEU B 77 9.05 -7.42 -6.66
N THR B 78 10.36 -7.65 -6.58
CA THR B 78 11.20 -7.01 -5.59
C THR B 78 11.11 -5.49 -5.72
N TRP B 79 11.32 -5.00 -6.93
CA TRP B 79 11.23 -3.58 -7.20
C TRP B 79 9.86 -3.03 -6.78
N GLN B 80 8.81 -3.78 -7.11
CA GLN B 80 7.46 -3.36 -6.77
C GLN B 80 7.25 -3.26 -5.26
N ALA B 81 7.69 -4.28 -4.53
CA ALA B 81 7.53 -4.33 -3.08
C ALA B 81 8.26 -3.16 -2.42
N ARG B 82 9.50 -2.93 -2.85
CA ARG B 82 10.27 -1.81 -2.35
C ARG B 82 9.53 -0.50 -2.56
N GLN B 83 8.98 -0.32 -3.76
CA GLN B 83 8.33 0.93 -4.13
C GLN B 83 7.02 1.16 -3.40
N ARG B 84 6.33 0.08 -3.07
CA ARG B 84 5.04 0.16 -2.39
C ARG B 84 5.14 0.60 -0.93
N THR B 85 6.35 0.87 -0.46
CA THR B 85 6.54 1.40 0.90
C THR B 85 6.54 2.92 0.88
N ARG B 86 6.92 3.49 -0.26
CA ARG B 86 7.00 4.93 -0.39
C ARG B 86 5.93 5.48 -1.32
N ARG B 87 5.31 4.62 -2.11
CA ARG B 87 4.23 5.05 -2.98
C ARG B 87 3.27 3.93 -3.40
N HIS B 88 2.05 4.33 -3.76
CA HIS B 88 0.99 3.41 -4.12
C HIS B 88 1.07 3.03 -5.61
N LEU B 89 1.22 1.73 -5.88
CA LEU B 89 1.29 1.24 -7.26
C LEU B 89 0.01 0.50 -7.64
N HIS B 90 -1.04 0.71 -6.85
CA HIS B 90 -2.38 0.20 -7.14
C HIS B 90 -2.52 -1.32 -7.20
N ASP B 91 -3.60 -1.78 -7.83
CA ASP B 91 -4.01 -3.17 -7.81
C ASP B 91 -3.05 -4.12 -8.53
N ASN B 92 -2.42 -3.63 -9.60
CA ASN B 92 -1.63 -4.49 -10.47
C ASN B 92 -0.58 -3.73 -11.28
N VAL B 93 0.59 -4.34 -11.44
CA VAL B 93 1.65 -3.74 -12.21
C VAL B 93 2.11 -4.65 -13.35
N GLN B 94 1.92 -4.20 -14.59
CA GLN B 94 2.43 -4.93 -15.74
C GLN B 94 3.58 -4.18 -16.41
N LEU B 95 4.67 -4.89 -16.64
CA LEU B 95 5.83 -4.34 -17.33
C LEU B 95 5.77 -4.73 -18.80
N ILE B 96 6.00 -3.78 -19.68
CA ILE B 96 6.12 -4.07 -21.10
C ILE B 96 7.58 -3.90 -21.51
N THR B 97 8.16 -4.95 -22.07
CA THR B 97 9.59 -4.93 -22.40
C THR B 97 9.85 -5.12 -23.88
N GLY B 98 10.91 -4.49 -24.37
CA GLY B 98 11.35 -4.66 -25.75
C GLY B 98 12.45 -5.70 -25.84
N VAL B 99 12.87 -6.20 -24.69
CA VAL B 99 13.87 -7.24 -24.61
C VAL B 99 13.29 -8.55 -25.10
N ASP B 100 14.05 -9.30 -25.89
CA ASP B 100 13.59 -10.57 -26.41
C ASP B 100 13.86 -11.72 -25.42
N PHE B 101 12.81 -12.23 -24.82
CA PHE B 101 12.90 -13.34 -23.87
C PHE B 101 13.48 -14.58 -24.52
N THR B 102 14.27 -15.34 -23.75
CA THR B 102 14.89 -16.56 -24.24
C THR B 102 13.84 -17.59 -24.63
N GLY B 103 14.02 -18.21 -25.79
CA GLY B 103 13.06 -19.16 -26.30
C GLY B 103 11.90 -18.43 -26.97
N THR B 104 10.70 -18.97 -26.83
CA THR B 104 9.53 -18.38 -27.45
C THR B 104 8.63 -17.73 -26.39
N THR B 105 9.09 -17.73 -25.15
CA THR B 105 8.33 -17.15 -24.05
C THR B 105 8.15 -15.65 -24.25
N VAL B 106 6.92 -15.17 -24.08
CA VAL B 106 6.60 -13.76 -24.26
C VAL B 106 5.95 -13.12 -23.02
N GLY B 107 5.67 -13.93 -22.01
CA GLY B 107 5.00 -13.44 -20.81
C GLY B 107 5.19 -14.33 -19.60
N PHE B 108 5.30 -13.69 -18.43
CA PHE B 108 5.49 -14.41 -17.18
C PHE B 108 4.77 -13.70 -16.04
N ALA B 109 4.14 -14.46 -15.15
CA ALA B 109 3.29 -13.86 -14.11
C ALA B 109 3.35 -14.54 -12.75
N ARG B 110 3.00 -13.80 -11.71
CA ARG B 110 2.85 -14.34 -10.36
C ARG B 110 1.41 -14.82 -10.18
N VAL B 111 1.23 -16.12 -9.97
CA VAL B 111 -0.12 -16.69 -9.89
C VAL B 111 -0.89 -16.21 -8.65
N SER B 112 -2.12 -15.76 -8.88
CA SER B 112 -3.04 -15.36 -7.83
C SER B 112 -2.52 -14.23 -6.95
N ALA B 113 -1.63 -13.42 -7.50
CA ALA B 113 -1.00 -12.35 -6.74
C ALA B 113 -1.77 -11.03 -6.77
N MET B 114 -2.87 -11.00 -7.52
CA MET B 114 -3.66 -9.77 -7.65
C MET B 114 -4.00 -9.17 -6.27
N CYS B 115 -3.80 -7.85 -6.15
CA CYS B 115 -4.08 -7.09 -4.93
C CYS B 115 -2.95 -7.15 -3.90
N SER B 116 -2.06 -8.13 -4.06
CA SER B 116 -0.96 -8.30 -3.13
C SER B 116 0.19 -7.37 -3.49
N HIS B 117 1.21 -7.32 -2.63
CA HIS B 117 2.40 -6.52 -2.90
C HIS B 117 3.26 -7.15 -3.99
N SER B 118 2.91 -8.39 -4.37
CA SER B 118 3.62 -9.08 -5.44
C SER B 118 2.72 -9.22 -6.65
N SER B 119 1.81 -8.27 -6.81
CA SER B 119 0.87 -8.23 -7.92
C SER B 119 1.55 -7.69 -9.17
N GLY B 120 2.07 -8.58 -10.00
CA GLY B 120 2.77 -8.15 -11.20
C GLY B 120 2.93 -9.19 -12.29
N ALA B 121 3.33 -8.74 -13.48
CA ALA B 121 3.63 -9.61 -14.61
C ALA B 121 4.57 -8.90 -15.59
N VAL B 122 5.21 -9.68 -16.45
CA VAL B 122 6.11 -9.12 -17.45
C VAL B 122 5.69 -9.54 -18.86
N ASN B 123 5.67 -8.59 -19.78
CA ASN B 123 5.19 -8.83 -21.13
C ASN B 123 6.15 -8.33 -22.21
N GLN B 124 6.42 -9.18 -23.19
CA GLN B 124 7.25 -8.79 -24.33
C GLN B 124 6.39 -8.31 -25.48
N ASP B 125 6.66 -7.09 -25.97
CA ASP B 125 5.98 -6.56 -27.14
C ASP B 125 6.53 -7.26 -28.39
N HIS B 126 5.89 -8.36 -28.77
CA HIS B 126 6.45 -9.29 -29.73
C HIS B 126 5.94 -9.16 -31.16
N SER B 127 5.03 -8.23 -31.40
N SER B 127 5.02 -8.22 -31.39
CA SER B 127 4.42 -8.06 -32.72
CA SER B 127 4.42 -8.07 -32.71
C SER B 127 4.10 -6.61 -33.02
C SER B 127 4.12 -6.60 -33.02
N LYS B 128 3.97 -6.29 -34.30
CA LYS B 128 3.64 -4.93 -34.72
C LYS B 128 2.21 -4.60 -34.34
N ASN B 129 1.35 -5.62 -34.36
CA ASN B 129 -0.02 -5.50 -33.88
C ASN B 129 -0.03 -5.42 -32.35
N PRO B 130 -0.50 -4.30 -31.79
CA PRO B 130 -0.54 -4.12 -30.33
C PRO B 130 -1.43 -5.16 -29.65
N VAL B 131 -2.30 -5.79 -30.43
CA VAL B 131 -3.14 -6.88 -29.91
C VAL B 131 -2.27 -8.03 -29.41
N GLY B 132 -1.13 -8.23 -30.07
CA GLY B 132 -0.17 -9.23 -29.64
C GLY B 132 0.17 -9.14 -28.15
N VAL B 133 0.72 -8.00 -27.74
CA VAL B 133 1.10 -7.82 -26.34
C VAL B 133 -0.13 -7.63 -25.43
N ALA B 134 -1.23 -7.12 -25.99
CA ALA B 134 -2.47 -7.00 -25.23
C ALA B 134 -3.03 -8.38 -24.85
N CYS B 135 -2.95 -9.35 -25.76
CA CYS B 135 -3.40 -10.70 -25.45
C CYS B 135 -2.47 -11.37 -24.44
N THR B 136 -1.18 -11.02 -24.50
CA THR B 136 -0.22 -11.57 -23.56
C THR B 136 -0.46 -11.03 -22.16
N MET B 137 -0.77 -9.74 -22.08
CA MET B 137 -1.00 -9.11 -20.79
C MET B 137 -2.31 -9.60 -20.18
N ALA B 138 -3.34 -9.72 -21.01
CA ALA B 138 -4.62 -10.25 -20.54
C ALA B 138 -4.42 -11.67 -20.00
N HIS B 139 -3.58 -12.43 -20.69
CA HIS B 139 -3.23 -13.77 -20.28
C HIS B 139 -2.53 -13.74 -18.92
N GLU B 140 -1.42 -13.00 -18.85
CA GLU B 140 -0.66 -12.90 -17.60
C GLU B 140 -1.47 -12.28 -16.46
N MET B 141 -2.30 -11.28 -16.79
CA MET B 141 -3.20 -10.69 -15.82
C MET B 141 -4.13 -11.78 -15.28
N GLY B 142 -4.49 -12.72 -16.14
CA GLY B 142 -5.35 -13.84 -15.79
C GLY B 142 -4.73 -14.76 -14.75
N HIS B 143 -3.44 -15.05 -14.91
CA HIS B 143 -2.70 -15.78 -13.89
C HIS B 143 -2.76 -15.05 -12.55
N ASN B 144 -2.55 -13.73 -12.58
CA ASN B 144 -2.63 -12.91 -11.38
C ASN B 144 -4.01 -13.04 -10.74
N LEU B 145 -5.00 -13.41 -11.56
CA LEU B 145 -6.36 -13.54 -11.08
C LEU B 145 -6.72 -14.98 -10.76
N GLY B 146 -5.71 -15.85 -10.74
CA GLY B 146 -5.91 -17.23 -10.35
C GLY B 146 -6.37 -18.17 -11.44
N MET B 147 -6.10 -17.80 -12.69
CA MET B 147 -6.43 -18.64 -13.84
C MET B 147 -5.25 -19.53 -14.23
N ASP B 148 -5.55 -20.78 -14.54
CA ASP B 148 -4.54 -21.72 -15.01
C ASP B 148 -4.61 -21.80 -16.52
N HIS B 149 -3.75 -22.62 -17.12
CA HIS B 149 -3.82 -22.86 -18.55
C HIS B 149 -4.98 -23.80 -18.87
N ASP B 150 -5.63 -23.58 -20.01
CA ASP B 150 -6.78 -24.39 -20.41
C ASP B 150 -6.44 -25.88 -20.51
N GLU B 151 -5.18 -26.17 -20.78
CA GLU B 151 -4.74 -27.55 -20.95
C GLU B 151 -4.62 -28.27 -19.61
N ASN B 152 -4.48 -27.50 -18.54
CA ASN B 152 -4.30 -28.06 -17.20
C ASN B 152 -5.61 -28.37 -16.49
N VAL B 153 -6.72 -28.01 -17.13
CA VAL B 153 -8.05 -28.22 -16.57
C VAL B 153 -8.83 -29.22 -17.41
N GLN B 154 -8.93 -30.45 -16.91
CA GLN B 154 -9.55 -31.54 -17.66
C GLN B 154 -10.98 -31.23 -18.08
N GLY B 155 -11.31 -31.52 -19.34
CA GLY B 155 -12.64 -31.30 -19.86
C GLY B 155 -13.01 -29.83 -19.97
N CYS B 156 -12.01 -28.96 -20.00
CA CYS B 156 -12.23 -27.53 -20.13
C CYS B 156 -12.83 -27.22 -21.50
N ARG B 157 -13.93 -26.47 -21.50
CA ARG B 157 -14.61 -26.11 -22.74
C ARG B 157 -14.29 -24.67 -23.16
N CYS B 158 -13.87 -24.52 -24.42
CA CYS B 158 -13.63 -23.21 -24.99
C CYS B 158 -14.60 -22.99 -26.14
N GLN B 159 -15.28 -21.85 -26.14
CA GLN B 159 -16.31 -21.59 -27.15
C GLN B 159 -15.88 -20.65 -28.26
N GLU B 160 -14.61 -20.70 -28.63
CA GLU B 160 -14.15 -20.03 -29.86
C GLU B 160 -14.47 -20.93 -31.04
N ARG B 161 -15.39 -20.49 -31.87
N ARG B 161 -15.40 -20.49 -31.87
CA ARG B 161 -15.85 -21.27 -33.02
CA ARG B 161 -15.85 -21.27 -33.03
C ARG B 161 -14.83 -21.25 -34.16
C ARG B 161 -14.79 -21.28 -34.13
N PHE B 162 -14.01 -20.20 -34.19
CA PHE B 162 -13.08 -20.00 -35.29
C PHE B 162 -11.68 -20.58 -35.08
N GLU B 163 -10.80 -20.34 -36.03
CA GLU B 163 -9.43 -20.84 -36.02
C GLU B 163 -9.29 -22.24 -35.41
N ALA B 164 -8.41 -22.36 -34.42
CA ALA B 164 -8.14 -23.64 -33.79
C ALA B 164 -9.03 -23.83 -32.57
N GLY B 165 -9.87 -22.84 -32.29
CA GLY B 165 -10.79 -22.90 -31.18
C GLY B 165 -10.11 -22.80 -29.82
N ARG B 166 -9.06 -21.99 -29.73
CA ARG B 166 -8.32 -21.82 -28.48
C ARG B 166 -8.63 -20.48 -27.84
N CYS B 167 -8.53 -20.40 -26.52
CA CYS B 167 -8.87 -19.19 -25.79
C CYS B 167 -7.65 -18.47 -25.23
N ILE B 168 -7.90 -17.38 -24.51
CA ILE B 168 -6.82 -16.55 -23.97
C ILE B 168 -5.84 -17.34 -23.09
N MET B 169 -6.35 -18.16 -22.19
CA MET B 169 -5.50 -18.82 -21.21
C MET B 169 -4.87 -20.13 -21.69
N ALA B 170 -4.78 -20.31 -23.01
CA ALA B 170 -4.02 -21.44 -23.54
C ALA B 170 -2.54 -21.15 -23.34
N GLY B 171 -1.73 -22.18 -23.11
CA GLY B 171 -0.33 -21.98 -22.80
C GLY B 171 0.51 -21.61 -24.01
N SER B 172 -0.16 -21.44 -25.14
CA SER B 172 0.51 -21.16 -26.40
C SER B 172 -0.39 -20.32 -27.30
N ILE B 173 0.14 -19.23 -27.84
CA ILE B 173 -0.65 -18.36 -28.71
C ILE B 173 -0.99 -19.03 -30.04
N GLY B 174 0.03 -19.56 -30.71
CA GLY B 174 -0.16 -20.13 -32.03
C GLY B 174 -0.15 -19.06 -33.10
N SER B 175 -0.90 -19.30 -34.18
CA SER B 175 -0.92 -18.40 -35.32
C SER B 175 -2.08 -17.41 -35.31
N SER B 176 -2.92 -17.48 -34.28
CA SER B 176 -4.01 -16.52 -34.14
C SER B 176 -4.16 -16.07 -32.69
N PHE B 177 -4.14 -14.75 -32.48
CA PHE B 177 -4.36 -14.19 -31.15
C PHE B 177 -5.75 -14.60 -30.64
N PRO B 178 -5.81 -15.03 -29.37
CA PRO B 178 -7.08 -15.44 -28.76
C PRO B 178 -7.99 -14.26 -28.49
N ARG B 179 -9.29 -14.49 -28.40
CA ARG B 179 -10.26 -13.40 -28.28
C ARG B 179 -11.25 -13.57 -27.14
N MET B 180 -11.32 -14.76 -26.56
CA MET B 180 -12.23 -14.98 -25.44
C MET B 180 -11.64 -15.87 -24.35
N PHE B 181 -12.29 -15.87 -23.20
CA PHE B 181 -11.86 -16.68 -22.06
C PHE B 181 -12.63 -18.00 -22.04
N SER B 182 -11.92 -19.09 -21.80
CA SER B 182 -12.55 -20.40 -21.73
C SER B 182 -13.56 -20.45 -20.59
N ASP B 183 -14.32 -21.54 -20.52
CA ASP B 183 -15.29 -21.71 -19.46
C ASP B 183 -14.63 -21.93 -18.10
N CYS B 184 -13.49 -22.61 -18.10
CA CYS B 184 -12.77 -22.84 -16.85
C CYS B 184 -12.02 -21.59 -16.37
N SER B 185 -11.58 -20.76 -17.31
CA SER B 185 -10.96 -19.48 -16.96
C SER B 185 -11.96 -18.62 -16.19
N GLN B 186 -13.20 -18.63 -16.64
CA GLN B 186 -14.24 -17.86 -16.00
C GLN B 186 -14.56 -18.40 -14.60
N ALA B 187 -14.61 -19.71 -14.47
CA ALA B 187 -14.87 -20.36 -13.18
C ALA B 187 -13.77 -20.06 -12.17
N TYR B 188 -12.51 -20.21 -12.58
CA TYR B 188 -11.37 -19.98 -11.70
C TYR B 188 -11.31 -18.52 -11.26
N LEU B 189 -11.78 -17.63 -12.12
CA LEU B 189 -11.82 -16.21 -11.79
C LEU B 189 -12.83 -15.97 -10.67
N GLU B 190 -13.94 -16.69 -10.71
CA GLU B 190 -14.98 -16.52 -9.70
C GLU B 190 -14.52 -17.06 -8.35
N SER B 191 -13.74 -18.14 -8.38
CA SER B 191 -13.18 -18.72 -7.19
C SER B 191 -12.21 -17.76 -6.53
N PHE B 192 -11.36 -17.13 -7.34
CA PHE B 192 -10.42 -16.13 -6.82
C PHE B 192 -11.16 -14.98 -6.14
N LEU B 193 -12.31 -14.61 -6.69
CA LEU B 193 -13.10 -13.54 -6.12
C LEU B 193 -13.66 -13.90 -4.74
N GLU B 194 -13.49 -15.15 -4.35
CA GLU B 194 -13.91 -15.60 -3.03
C GLU B 194 -12.84 -15.32 -1.98
N ARG B 195 -11.61 -15.10 -2.44
CA ARG B 195 -10.50 -14.73 -1.56
C ARG B 195 -10.71 -13.34 -0.97
N PRO B 196 -10.46 -13.19 0.34
CA PRO B 196 -10.55 -11.89 1.00
C PRO B 196 -9.60 -10.88 0.36
N GLN B 197 -8.49 -11.35 -0.19
CA GLN B 197 -7.48 -10.47 -0.76
C GLN B 197 -7.97 -9.79 -2.04
N SER B 198 -9.01 -10.33 -2.65
CA SER B 198 -9.53 -9.80 -3.90
C SER B 198 -10.43 -8.60 -3.65
N VAL B 199 -10.39 -8.07 -2.43
CA VAL B 199 -11.19 -6.90 -2.09
C VAL B 199 -10.75 -5.66 -2.86
N CYS B 200 -9.47 -5.63 -3.25
CA CYS B 200 -8.92 -4.48 -3.97
C CYS B 200 -9.59 -4.28 -5.34
N LEU B 201 -10.39 -5.25 -5.75
CA LEU B 201 -11.05 -5.17 -7.05
C LEU B 201 -12.46 -4.61 -6.95
N ALA B 202 -12.87 -4.24 -5.73
CA ALA B 202 -14.24 -3.83 -5.48
C ALA B 202 -14.52 -2.35 -5.74
N ASN B 203 -13.48 -1.53 -5.77
CA ASN B 203 -13.67 -0.08 -5.87
C ASN B 203 -13.52 0.50 -7.28
N ALA B 204 -14.56 1.16 -7.76
CA ALA B 204 -14.49 1.87 -9.03
C ALA B 204 -13.49 3.01 -8.90
N PRO B 205 -12.55 3.10 -9.85
CA PRO B 205 -11.48 4.10 -9.80
C PRO B 205 -12.01 5.53 -9.85
N ASP B 206 -11.58 6.36 -8.90
CA ASP B 206 -11.98 7.76 -8.86
C ASP B 206 -11.40 8.53 -10.05
N ARG C 2 53.62 -0.78 -21.42
CA ARG C 2 53.52 0.68 -21.34
C ARG C 2 53.85 1.19 -19.94
N GLU C 3 54.06 2.48 -19.83
CA GLU C 3 54.34 3.09 -18.53
C GLU C 3 53.08 3.21 -17.69
N THR C 4 53.25 3.31 -16.39
CA THR C 4 52.12 3.45 -15.48
C THR C 4 51.31 4.70 -15.78
N ARG C 5 49.99 4.57 -15.75
CA ARG C 5 49.11 5.72 -15.89
C ARG C 5 48.54 6.12 -14.53
N TYR C 6 48.24 7.40 -14.37
CA TYR C 6 47.78 7.92 -13.10
C TYR C 6 46.52 8.75 -13.29
N VAL C 7 45.49 8.46 -12.50
CA VAL C 7 44.28 9.28 -12.48
C VAL C 7 44.30 10.19 -11.25
N GLU C 8 44.45 11.49 -11.47
CA GLU C 8 44.32 12.43 -10.36
C GLU C 8 42.84 12.60 -10.05
N LEU C 9 42.41 12.05 -8.92
CA LEU C 9 40.99 11.92 -8.62
C LEU C 9 40.48 13.00 -7.68
N TYR C 10 39.34 13.59 -8.05
CA TYR C 10 38.70 14.60 -7.23
C TYR C 10 37.37 14.07 -6.71
N VAL C 11 37.24 13.98 -5.39
CA VAL C 11 36.03 13.43 -4.81
C VAL C 11 35.16 14.52 -4.20
N VAL C 12 33.86 14.40 -4.42
CA VAL C 12 32.89 15.26 -3.77
C VAL C 12 31.90 14.42 -2.98
N VAL C 13 31.74 14.77 -1.70
CA VAL C 13 30.82 14.07 -0.83
C VAL C 13 29.62 14.98 -0.55
N ASP C 14 28.43 14.54 -0.94
CA ASP C 14 27.25 15.39 -0.81
C ASP C 14 26.76 15.48 0.62
N ASN C 15 25.64 16.17 0.82
CA ASN C 15 25.15 16.43 2.17
C ASN C 15 24.48 15.21 2.78
N ALA C 16 23.86 14.38 1.95
CA ALA C 16 23.21 13.17 2.40
C ALA C 16 24.24 12.20 2.98
N GLU C 17 25.33 12.02 2.26
CA GLU C 17 26.42 11.14 2.71
C GLU C 17 27.06 11.68 4.00
N PHE C 18 27.19 12.99 4.10
CA PHE C 18 27.78 13.62 5.29
C PHE C 18 26.92 13.39 6.53
N GLN C 19 25.62 13.60 6.42
CA GLN C 19 24.70 13.37 7.53
C GLN C 19 24.66 11.90 7.94
N MET C 20 24.86 11.02 6.97
CA MET C 20 24.84 9.58 7.25
C MET C 20 26.06 9.15 8.05
N LEU C 21 27.22 9.72 7.73
CA LEU C 21 28.46 9.40 8.44
C LEU C 21 28.59 10.20 9.74
N GLY C 22 27.98 11.37 9.78
CA GLY C 22 27.89 12.14 11.01
C GLY C 22 28.84 13.31 11.11
N SER C 23 30.11 13.07 10.81
CA SER C 23 31.13 14.11 10.95
C SER C 23 32.10 14.10 9.77
N GLU C 24 32.87 15.18 9.64
CA GLU C 24 33.82 15.31 8.54
C GLU C 24 34.99 14.35 8.74
N ALA C 25 35.27 14.02 10.00
CA ALA C 25 36.30 13.04 10.30
C ALA C 25 35.88 11.68 9.76
N ALA C 26 34.63 11.32 10.01
CA ALA C 26 34.09 10.03 9.56
C ALA C 26 34.14 9.91 8.04
N VAL C 27 33.93 11.03 7.37
CA VAL C 27 33.95 11.07 5.91
C VAL C 27 35.35 10.85 5.36
N ARG C 28 36.31 11.62 5.85
CA ARG C 28 37.69 11.49 5.41
C ARG C 28 38.18 10.06 5.56
N HIS C 29 37.90 9.46 6.72
CA HIS C 29 38.27 8.07 6.96
C HIS C 29 37.70 7.14 5.92
N ARG C 30 36.39 7.25 5.68
CA ARG C 30 35.71 6.40 4.72
C ARG C 30 36.15 6.66 3.28
N VAL C 31 36.36 7.93 2.95
CA VAL C 31 36.82 8.33 1.63
C VAL C 31 38.20 7.75 1.33
N LEU C 32 39.07 7.75 2.32
CA LEU C 32 40.42 7.21 2.16
C LEU C 32 40.41 5.69 2.04
N GLU C 33 39.40 5.06 2.63
CA GLU C 33 39.27 3.61 2.53
C GLU C 33 38.77 3.24 1.13
N VAL C 34 37.72 3.93 0.69
CA VAL C 34 37.18 3.73 -0.66
C VAL C 34 38.24 3.95 -1.73
N VAL C 35 38.95 5.07 -1.65
CA VAL C 35 39.98 5.43 -2.63
C VAL C 35 41.10 4.39 -2.68
N ASN C 36 41.54 3.93 -1.51
CA ASN C 36 42.62 2.96 -1.44
C ASN C 36 42.24 1.62 -2.04
N HIS C 37 40.96 1.31 -2.04
CA HIS C 37 40.50 0.06 -2.62
C HIS C 37 40.44 0.16 -4.14
N VAL C 38 39.96 1.30 -4.63
CA VAL C 38 39.88 1.54 -6.07
C VAL C 38 41.29 1.51 -6.65
N ASP C 39 42.22 2.12 -5.93
CA ASP C 39 43.62 2.14 -6.31
C ASP C 39 44.20 0.73 -6.36
N LYS C 40 43.74 -0.10 -5.43
CA LYS C 40 44.13 -1.50 -5.38
C LYS C 40 43.62 -2.26 -6.60
N LEU C 41 42.36 -2.03 -6.96
CA LEU C 41 41.74 -2.67 -8.11
C LEU C 41 42.40 -2.31 -9.43
N TYR C 42 42.87 -1.07 -9.54
CA TYR C 42 43.47 -0.58 -10.78
C TYR C 42 44.97 -0.87 -10.90
N GLN C 43 45.63 -1.15 -9.80
CA GLN C 43 47.05 -1.47 -9.84
C GLN C 43 47.28 -2.69 -10.73
N LYS C 44 46.24 -3.51 -10.85
CA LYS C 44 46.29 -4.71 -11.66
C LYS C 44 46.18 -4.37 -13.15
N LEU C 45 45.98 -3.09 -13.43
CA LEU C 45 45.91 -2.58 -14.80
C LEU C 45 47.06 -1.61 -15.08
N ASN C 46 48.08 -1.65 -14.24
CA ASN C 46 49.19 -0.70 -14.33
C ASN C 46 48.70 0.75 -14.24
N PHE C 47 47.60 0.95 -13.50
CA PHE C 47 47.09 2.28 -13.20
C PHE C 47 47.24 2.57 -11.72
N ARG C 48 47.39 3.84 -11.38
CA ARG C 48 47.30 4.28 -10.00
C ARG C 48 46.22 5.35 -9.90
N VAL C 49 45.38 5.27 -8.88
CA VAL C 49 44.34 6.27 -8.68
C VAL C 49 44.65 7.05 -7.42
N VAL C 50 44.96 8.33 -7.59
CA VAL C 50 45.41 9.15 -6.46
C VAL C 50 44.41 10.25 -6.09
N LEU C 51 44.03 10.30 -4.82
CA LEU C 51 43.17 11.37 -4.32
C LEU C 51 43.95 12.68 -4.24
N VAL C 52 43.53 13.67 -5.01
CA VAL C 52 44.24 14.96 -5.03
C VAL C 52 43.35 16.10 -4.52
N GLY C 53 42.08 15.82 -4.33
CA GLY C 53 41.14 16.84 -3.87
C GLY C 53 39.89 16.23 -3.27
N LEU C 54 39.33 16.92 -2.29
CA LEU C 54 38.15 16.43 -1.59
C LEU C 54 37.22 17.57 -1.18
N GLU C 55 35.95 17.43 -1.51
CA GLU C 55 34.96 18.44 -1.21
C GLU C 55 33.80 17.81 -0.47
N ILE C 56 33.50 18.31 0.72
CA ILE C 56 32.43 17.76 1.53
C ILE C 56 31.38 18.83 1.83
N TRP C 57 30.19 18.64 1.30
CA TRP C 57 29.13 19.61 1.50
C TRP C 57 28.44 19.42 2.84
N ASN C 58 29.02 20.02 3.88
CA ASN C 58 28.51 19.89 5.24
C ASN C 58 27.21 20.66 5.50
N SER C 59 26.91 21.63 4.65
CA SER C 59 25.74 22.48 4.86
C SER C 59 24.67 22.31 3.77
N GLN C 60 25.06 22.57 2.52
CA GLN C 60 24.12 22.51 1.41
C GLN C 60 24.80 22.03 0.13
N ASP C 61 24.07 21.28 -0.68
CA ASP C 61 24.58 20.81 -1.97
C ASP C 61 24.72 21.97 -2.96
N ARG C 62 25.77 21.92 -3.78
CA ARG C 62 26.00 22.94 -4.80
C ARG C 62 25.03 22.78 -5.98
N PHE C 63 24.28 21.68 -5.96
CA PHE C 63 23.26 21.43 -6.97
C PHE C 63 22.31 20.32 -6.52
N HIS C 64 21.19 20.18 -7.21
CA HIS C 64 20.20 19.18 -6.86
C HIS C 64 20.69 17.76 -7.14
N VAL C 65 20.80 16.96 -6.09
CA VAL C 65 21.13 15.55 -6.24
C VAL C 65 19.83 14.77 -6.38
N SER C 66 19.52 14.36 -7.60
CA SER C 66 18.26 13.70 -7.88
C SER C 66 18.37 12.20 -7.71
N PRO C 67 17.27 11.55 -7.30
CA PRO C 67 17.20 10.09 -7.25
C PRO C 67 17.49 9.51 -8.62
N ASP C 68 17.38 10.34 -9.65
CA ASP C 68 17.77 9.93 -10.99
C ASP C 68 19.25 10.23 -11.19
N PRO C 69 20.06 9.18 -11.35
CA PRO C 69 21.51 9.32 -11.52
C PRO C 69 21.89 10.10 -12.77
N SER C 70 21.00 10.14 -13.76
CA SER C 70 21.26 10.87 -15.00
C SER C 70 21.19 12.38 -14.76
N VAL C 71 20.16 12.80 -14.02
CA VAL C 71 20.01 14.20 -13.66
C VAL C 71 21.17 14.64 -12.78
N THR C 72 21.49 13.81 -11.79
CA THR C 72 22.58 14.09 -10.86
C THR C 72 23.92 14.12 -11.59
N LEU C 73 24.10 13.23 -12.57
CA LEU C 73 25.33 13.20 -13.34
C LEU C 73 25.53 14.49 -14.12
N GLU C 74 24.49 14.92 -14.82
CA GLU C 74 24.55 16.13 -15.64
C GLU C 74 24.79 17.36 -14.77
N ASN C 75 24.15 17.42 -13.62
CA ASN C 75 24.33 18.52 -12.69
C ASN C 75 25.79 18.62 -12.24
N LEU C 76 26.40 17.47 -12.00
CA LEU C 76 27.78 17.42 -11.56
C LEU C 76 28.70 17.95 -12.65
N LEU C 77 28.58 17.40 -13.85
CA LEU C 77 29.38 17.84 -14.98
C LEU C 77 29.17 19.33 -15.22
N THR C 78 27.91 19.77 -15.12
CA THR C 78 27.57 21.18 -15.25
C THR C 78 28.32 22.01 -14.23
N TRP C 79 28.10 21.70 -12.96
CA TRP C 79 28.77 22.40 -11.88
C TRP C 79 30.29 22.30 -12.03
N GLN C 80 30.76 21.15 -12.48
CA GLN C 80 32.18 20.91 -12.70
C GLN C 80 32.74 21.95 -13.68
N ALA C 81 32.08 22.06 -14.82
CA ALA C 81 32.53 22.96 -15.88
C ALA C 81 32.54 24.42 -15.44
N ARG C 82 31.73 24.75 -14.44
CA ARG C 82 31.65 26.12 -13.95
C ARG C 82 32.75 26.43 -12.93
N GLN C 83 33.55 25.42 -12.62
CA GLN C 83 34.62 25.57 -11.65
C GLN C 83 35.98 25.54 -12.33
N ARG C 84 36.29 24.41 -12.96
CA ARG C 84 37.57 24.20 -13.64
C ARG C 84 38.22 25.50 -14.08
N HIS C 88 40.01 23.95 -11.67
CA HIS C 88 40.63 22.75 -12.23
C HIS C 88 40.36 21.54 -11.35
N LEU C 89 39.42 20.70 -11.77
CA LEU C 89 39.05 19.51 -11.01
C LEU C 89 39.89 18.31 -11.42
N HIS C 90 40.98 18.58 -12.12
CA HIS C 90 41.95 17.56 -12.49
C HIS C 90 41.40 16.52 -13.45
N ASP C 91 41.95 15.31 -13.41
CA ASP C 91 41.62 14.27 -14.39
C ASP C 91 40.16 13.82 -14.32
N ASN C 92 39.69 13.51 -13.11
CA ASN C 92 38.36 12.93 -12.95
C ASN C 92 37.68 13.35 -11.65
N VAL C 93 36.36 13.49 -11.71
CA VAL C 93 35.56 13.85 -10.55
C VAL C 93 34.56 12.75 -10.22
N GLN C 94 34.60 12.27 -8.99
CA GLN C 94 33.64 11.27 -8.54
C GLN C 94 32.82 11.81 -7.37
N LEU C 95 31.49 11.75 -7.51
CA LEU C 95 30.58 12.16 -6.45
C LEU C 95 30.10 10.97 -5.65
N ILE C 96 30.14 11.10 -4.33
CA ILE C 96 29.59 10.06 -3.46
C ILE C 96 28.35 10.61 -2.75
N THR C 97 27.24 9.92 -2.91
CA THR C 97 25.97 10.40 -2.36
C THR C 97 25.30 9.42 -1.39
N GLY C 98 24.66 9.98 -0.38
CA GLY C 98 23.85 9.20 0.55
C GLY C 98 22.42 9.11 0.09
N VAL C 99 22.12 9.78 -1.02
CA VAL C 99 20.78 9.74 -1.61
C VAL C 99 20.56 8.39 -2.29
N ASP C 100 19.38 7.82 -2.11
CA ASP C 100 19.06 6.51 -2.69
C ASP C 100 18.49 6.65 -4.10
N PHE C 101 19.28 6.20 -5.09
CA PHE C 101 18.86 6.27 -6.49
C PHE C 101 17.67 5.38 -6.78
N THR C 102 16.81 5.83 -7.70
CA THR C 102 15.61 5.09 -8.04
C THR C 102 15.95 3.71 -8.57
N GLY C 103 15.22 2.71 -8.10
CA GLY C 103 15.48 1.33 -8.50
C GLY C 103 16.69 0.80 -7.78
N THR C 104 17.47 -0.02 -8.48
CA THR C 104 18.63 -0.67 -7.88
C THR C 104 19.92 -0.03 -8.35
N THR C 105 19.80 1.02 -9.16
CA THR C 105 20.97 1.69 -9.71
C THR C 105 21.78 2.37 -8.62
N VAL C 106 23.09 2.15 -8.63
CA VAL C 106 23.94 2.69 -7.58
C VAL C 106 25.13 3.49 -8.13
N GLY C 107 25.23 3.60 -9.45
CA GLY C 107 26.29 4.37 -10.06
C GLY C 107 26.01 4.72 -11.51
N PHE C 108 26.41 5.93 -11.91
CA PHE C 108 26.19 6.39 -13.27
C PHE C 108 27.41 7.19 -13.75
N ALA C 109 27.76 7.03 -15.02
CA ALA C 109 29.01 7.59 -15.53
C ALA C 109 28.94 8.06 -16.99
N ARG C 110 29.74 9.07 -17.31
CA ARG C 110 29.90 9.54 -18.68
C ARG C 110 30.96 8.69 -19.40
N VAL C 111 30.56 8.01 -20.47
CA VAL C 111 31.44 7.05 -21.14
C VAL C 111 32.55 7.71 -21.95
N SER C 112 33.78 7.22 -21.75
CA SER C 112 34.95 7.73 -22.44
C SER C 112 35.18 9.23 -22.21
N ALA C 113 34.79 9.72 -21.05
CA ALA C 113 34.90 11.14 -20.75
C ALA C 113 36.15 11.52 -19.96
N MET C 114 36.98 10.53 -19.67
CA MET C 114 38.20 10.77 -18.91
C MET C 114 39.09 11.84 -19.56
N CYS C 115 39.48 12.83 -18.76
CA CYS C 115 40.38 13.92 -19.17
C CYS C 115 39.65 15.10 -19.81
N SER C 116 38.42 14.86 -20.27
CA SER C 116 37.61 15.92 -20.82
C SER C 116 36.97 16.75 -19.71
N HIS C 117 36.18 17.75 -20.10
CA HIS C 117 35.47 18.58 -19.13
C HIS C 117 34.18 17.92 -18.66
N SER C 118 33.85 16.77 -19.25
CA SER C 118 32.70 15.99 -18.80
C SER C 118 33.18 14.72 -18.10
N SER C 119 34.40 14.77 -17.56
CA SER C 119 34.99 13.64 -16.86
C SER C 119 34.44 13.51 -15.45
N GLY C 120 33.41 12.69 -15.29
CA GLY C 120 32.76 12.53 -14.00
C GLY C 120 31.80 11.35 -13.90
N ALA C 121 31.44 11.01 -12.66
CA ALA C 121 30.49 9.94 -12.40
C ALA C 121 29.86 10.12 -11.02
N VAL C 122 28.76 9.43 -10.76
CA VAL C 122 28.10 9.50 -9.45
C VAL C 122 27.92 8.13 -8.82
N ASN C 123 28.21 8.04 -7.53
CA ASN C 123 28.17 6.78 -6.83
C ASN C 123 27.37 6.88 -5.54
N GLN C 124 26.47 5.92 -5.32
CA GLN C 124 25.75 5.84 -4.06
C GLN C 124 26.45 4.91 -3.09
N ASP C 125 26.70 5.40 -1.88
CA ASP C 125 27.29 4.60 -0.83
C ASP C 125 26.23 3.63 -0.31
N HIS C 126 26.11 2.49 -0.98
CA HIS C 126 24.98 1.58 -0.77
C HIS C 126 25.27 0.45 0.21
N SER C 127 26.51 0.36 0.66
N SER C 127 26.52 0.34 0.65
CA SER C 127 26.91 -0.74 1.54
CA SER C 127 26.91 -0.75 1.53
C SER C 127 27.70 -0.28 2.75
C SER C 127 27.68 -0.26 2.75
N LYS C 128 27.46 -0.92 3.89
CA LYS C 128 28.18 -0.61 5.11
C LYS C 128 29.69 -0.81 4.91
N ASN C 129 30.04 -1.80 4.10
CA ASN C 129 31.43 -2.01 3.69
C ASN C 129 31.84 -1.00 2.62
N PRO C 130 32.86 -0.17 2.90
CA PRO C 130 33.33 0.83 1.94
C PRO C 130 33.70 0.20 0.59
N VAL C 131 34.06 -1.08 0.62
CA VAL C 131 34.36 -1.82 -0.60
C VAL C 131 33.21 -1.69 -1.61
N GLY C 132 31.99 -1.70 -1.10
CA GLY C 132 30.81 -1.58 -1.94
C GLY C 132 30.85 -0.40 -2.89
N VAL C 133 30.99 0.80 -2.33
CA VAL C 133 31.01 2.01 -3.16
C VAL C 133 32.35 2.17 -3.90
N ALA C 134 33.40 1.54 -3.38
CA ALA C 134 34.70 1.55 -4.05
C ALA C 134 34.65 0.73 -5.34
N CYS C 135 33.92 -0.38 -5.33
CA CYS C 135 33.73 -1.20 -6.53
C CYS C 135 32.88 -0.46 -7.57
N THR C 136 31.80 0.17 -7.12
CA THR C 136 30.95 0.96 -7.99
C THR C 136 31.75 2.07 -8.66
N MET C 137 32.54 2.78 -7.88
CA MET C 137 33.37 3.87 -8.39
C MET C 137 34.41 3.38 -9.39
N ALA C 138 34.98 2.22 -9.15
CA ALA C 138 35.94 1.64 -10.09
C ALA C 138 35.21 1.25 -11.38
N HIS C 139 33.98 0.76 -11.23
CA HIS C 139 33.14 0.42 -12.37
C HIS C 139 32.82 1.66 -13.20
N GLU C 140 32.37 2.72 -12.53
CA GLU C 140 32.04 3.97 -13.21
C GLU C 140 33.28 4.65 -13.78
N MET C 141 34.39 4.59 -13.05
CA MET C 141 35.64 5.11 -13.60
C MET C 141 36.06 4.29 -14.79
N GLY C 142 35.62 3.04 -14.84
CA GLY C 142 35.89 2.17 -15.97
C GLY C 142 35.19 2.65 -17.22
N HIS C 143 33.94 3.07 -17.07
CA HIS C 143 33.19 3.68 -18.16
C HIS C 143 33.86 4.95 -18.66
N ASN C 144 34.29 5.82 -17.73
CA ASN C 144 35.02 7.03 -18.11
C ASN C 144 36.25 6.69 -18.93
N LEU C 145 36.76 5.48 -18.76
CA LEU C 145 37.97 5.03 -19.43
C LEU C 145 37.67 4.20 -20.69
N GLY C 146 36.41 4.18 -21.11
CA GLY C 146 36.05 3.52 -22.36
C GLY C 146 35.62 2.07 -22.25
N MET C 147 35.45 1.58 -21.03
CA MET C 147 35.02 0.20 -20.83
C MET C 147 33.51 0.05 -20.92
N ASP C 148 33.06 -1.06 -21.52
CA ASP C 148 31.65 -1.40 -21.57
C ASP C 148 31.37 -2.53 -20.59
N HIS C 149 30.11 -2.86 -20.40
CA HIS C 149 29.75 -4.01 -19.57
C HIS C 149 30.22 -5.31 -20.24
N ASP C 150 30.73 -6.24 -19.45
CA ASP C 150 31.23 -7.51 -19.98
C ASP C 150 30.17 -8.26 -20.78
N GLU C 151 28.90 -7.97 -20.48
CA GLU C 151 27.78 -8.58 -21.18
C GLU C 151 27.66 -8.10 -22.62
N ASN C 152 28.15 -6.88 -22.87
CA ASN C 152 28.05 -6.26 -24.19
C ASN C 152 29.14 -6.68 -25.17
N VAL C 153 30.12 -7.44 -24.68
CA VAL C 153 31.20 -7.90 -25.53
C VAL C 153 31.16 -9.43 -25.67
N GLN C 154 30.73 -9.90 -26.84
CA GLN C 154 30.58 -11.31 -27.12
C GLN C 154 31.87 -12.08 -26.93
N GLY C 155 31.81 -13.16 -26.14
CA GLY C 155 32.95 -14.03 -25.94
C GLY C 155 33.93 -13.55 -24.88
N CYS C 156 33.61 -12.42 -24.26
CA CYS C 156 34.46 -11.85 -23.22
C CYS C 156 34.72 -12.90 -22.14
N ARG C 157 35.98 -13.02 -21.72
CA ARG C 157 36.32 -13.99 -20.69
C ARG C 157 36.73 -13.30 -19.39
N CYS C 158 36.03 -13.64 -18.32
CA CYS C 158 36.36 -13.16 -16.99
C CYS C 158 37.19 -14.22 -16.27
N GLN C 159 38.30 -13.79 -15.67
CA GLN C 159 39.20 -14.75 -15.03
C GLN C 159 39.02 -14.83 -13.52
N GLU C 160 37.80 -14.59 -13.06
CA GLU C 160 37.46 -14.78 -11.65
C GLU C 160 37.04 -16.23 -11.43
N ARG C 161 37.82 -16.95 -10.64
CA ARG C 161 37.59 -18.37 -10.39
C ARG C 161 36.51 -18.57 -9.34
N PHE C 162 36.36 -17.60 -8.45
CA PHE C 162 35.46 -17.75 -7.30
C PHE C 162 34.04 -17.28 -7.57
N GLU C 163 33.17 -17.40 -6.58
CA GLU C 163 31.76 -16.98 -6.66
C GLU C 163 31.09 -17.31 -8.00
N ALA C 164 30.55 -16.28 -8.64
CA ALA C 164 29.84 -16.45 -9.91
C ALA C 164 30.75 -16.17 -11.10
N GLY C 165 32.00 -15.83 -10.82
CA GLY C 165 32.96 -15.57 -11.88
C GLY C 165 32.68 -14.30 -12.64
N ARG C 166 32.09 -13.31 -11.97
CA ARG C 166 31.84 -12.00 -12.57
C ARG C 166 32.99 -11.05 -12.27
N CYS C 167 33.29 -10.18 -13.23
CA CYS C 167 34.33 -9.17 -13.05
C CYS C 167 33.73 -7.81 -12.73
N ILE C 168 34.60 -6.82 -12.58
CA ILE C 168 34.20 -5.47 -12.18
C ILE C 168 33.19 -4.81 -13.11
N MET C 169 33.36 -4.99 -14.42
CA MET C 169 32.50 -4.30 -15.38
C MET C 169 31.16 -4.98 -15.68
N ALA C 170 30.81 -6.00 -14.91
CA ALA C 170 29.49 -6.61 -15.10
C ALA C 170 28.44 -5.54 -14.83
N GLY C 171 27.27 -5.67 -15.47
CA GLY C 171 26.24 -4.66 -15.36
C GLY C 171 25.46 -4.74 -14.07
N SER C 172 25.73 -5.81 -13.32
CA SER C 172 25.04 -6.09 -12.07
C SER C 172 26.07 -6.57 -11.05
N ILE C 173 26.02 -6.02 -9.85
CA ILE C 173 26.94 -6.42 -8.80
C ILE C 173 26.63 -7.83 -8.28
N GLY C 174 25.37 -8.05 -7.91
CA GLY C 174 24.94 -9.36 -7.44
C GLY C 174 25.25 -9.56 -5.97
N SER C 175 25.53 -10.82 -5.61
CA SER C 175 25.72 -11.20 -4.22
C SER C 175 27.07 -10.77 -3.67
N SER C 176 28.12 -10.86 -4.48
CA SER C 176 29.46 -10.55 -4.01
C SER C 176 30.14 -9.46 -4.84
N PHE C 177 30.91 -8.61 -4.16
CA PHE C 177 31.62 -7.52 -4.82
C PHE C 177 32.73 -8.05 -5.72
N PRO C 178 32.86 -7.46 -6.92
CA PRO C 178 33.85 -7.84 -7.94
C PRO C 178 35.27 -7.47 -7.52
N ARG C 179 36.26 -8.20 -8.01
CA ARG C 179 37.64 -7.97 -7.57
C ARG C 179 38.64 -7.79 -8.70
N MET C 180 38.27 -8.16 -9.92
CA MET C 180 39.18 -8.00 -11.05
C MET C 180 38.47 -7.60 -12.34
N PHE C 181 39.25 -7.14 -13.30
CA PHE C 181 38.71 -6.72 -14.59
C PHE C 181 38.84 -7.84 -15.61
N SER C 182 37.79 -8.07 -16.39
CA SER C 182 37.81 -9.08 -17.44
C SER C 182 38.83 -8.73 -18.51
N ASP C 183 39.04 -9.65 -19.44
N ASP C 183 39.01 -9.65 -19.45
CA ASP C 183 40.04 -9.45 -20.48
CA ASP C 183 39.97 -9.44 -20.55
C ASP C 183 39.61 -8.37 -21.48
C ASP C 183 39.54 -8.30 -21.48
N CYS C 184 38.32 -8.29 -21.75
N CYS C 184 38.24 -8.20 -21.75
CA CYS C 184 37.81 -7.23 -22.60
CA CYS C 184 37.74 -7.17 -22.64
C CYS C 184 37.95 -5.85 -21.96
C CYS C 184 37.77 -5.80 -21.99
N SER C 185 37.65 -5.76 -20.67
CA SER C 185 37.79 -4.52 -19.93
C SER C 185 39.19 -3.98 -20.15
N GLN C 186 40.17 -4.87 -20.07
CA GLN C 186 41.57 -4.51 -20.24
C GLN C 186 41.87 -4.07 -21.68
N ALA C 187 41.32 -4.82 -22.65
CA ALA C 187 41.47 -4.47 -24.06
C ALA C 187 40.93 -3.06 -24.35
N TYR C 188 39.67 -2.82 -23.98
CA TYR C 188 39.04 -1.53 -24.21
C TYR C 188 39.82 -0.35 -23.60
N LEU C 189 40.46 -0.61 -22.47
CA LEU C 189 41.26 0.42 -21.81
C LEU C 189 42.49 0.75 -22.63
N GLU C 190 43.08 -0.28 -23.24
CA GLU C 190 44.23 -0.09 -24.11
C GLU C 190 43.84 0.81 -25.27
N SER C 191 42.70 0.50 -25.89
CA SER C 191 42.20 1.27 -27.02
C SER C 191 41.97 2.72 -26.62
N PHE C 192 41.37 2.94 -25.47
CA PHE C 192 41.11 4.29 -24.98
C PHE C 192 42.41 5.07 -24.83
N LEU C 193 43.48 4.36 -24.48
CA LEU C 193 44.78 4.99 -24.29
C LEU C 193 45.42 5.36 -25.62
N GLU C 194 44.70 5.13 -26.71
CA GLU C 194 45.16 5.53 -28.03
C GLU C 194 44.64 6.93 -28.34
N ARG C 195 43.51 7.29 -27.72
CA ARG C 195 42.94 8.62 -27.87
C ARG C 195 43.91 9.69 -27.38
N PRO C 196 44.11 10.74 -28.20
CA PRO C 196 44.97 11.86 -27.83
C PRO C 196 44.51 12.54 -26.54
N GLN C 197 43.24 12.36 -26.19
CA GLN C 197 42.68 12.98 -24.99
C GLN C 197 43.21 12.31 -23.72
N SER C 198 43.64 11.06 -23.84
CA SER C 198 44.12 10.32 -22.68
C SER C 198 45.48 10.82 -22.20
N VAL C 199 45.93 11.95 -22.75
CA VAL C 199 47.23 12.52 -22.40
C VAL C 199 47.30 12.96 -20.94
N CYS C 200 46.16 13.32 -20.37
CA CYS C 200 46.13 13.80 -19.00
C CYS C 200 46.38 12.70 -17.97
N LEU C 201 46.50 11.46 -18.43
CA LEU C 201 46.78 10.34 -17.53
C LEU C 201 48.28 10.02 -17.54
N ALA C 202 49.04 10.81 -18.26
CA ALA C 202 50.46 10.53 -18.43
C ALA C 202 51.33 11.12 -17.31
N ASN C 203 50.83 12.17 -16.66
CA ASN C 203 51.62 12.84 -15.63
C ASN C 203 51.54 12.17 -14.27
N ALA C 204 52.70 11.81 -13.73
CA ALA C 204 52.78 11.27 -12.38
C ALA C 204 52.57 12.41 -11.40
N PRO C 205 51.46 12.38 -10.65
CA PRO C 205 51.10 13.43 -9.70
C PRO C 205 52.20 13.66 -8.67
CA SER D 1 -52.08 10.13 11.59
C SER D 1 -52.32 9.01 10.58
N ARG D 2 -51.80 7.82 10.87
CA ARG D 2 -51.96 6.69 9.97
C ARG D 2 -52.41 5.44 10.71
N GLU D 3 -52.80 4.42 9.96
CA GLU D 3 -53.17 3.14 10.54
C GLU D 3 -51.92 2.38 10.95
N THR D 4 -52.11 1.32 11.74
CA THR D 4 -51.01 0.49 12.17
C THR D 4 -50.36 -0.22 10.98
N ARG D 5 -49.05 -0.34 11.01
CA ARG D 5 -48.31 -1.10 10.00
C ARG D 5 -47.84 -2.42 10.60
N TYR D 6 -47.88 -3.49 9.80
CA TYR D 6 -47.54 -4.82 10.28
C TYR D 6 -46.41 -5.44 9.45
N VAL D 7 -45.36 -5.88 10.12
CA VAL D 7 -44.30 -6.63 9.44
C VAL D 7 -44.53 -8.14 9.62
N GLU D 8 -44.90 -8.82 8.54
CA GLU D 8 -44.99 -10.28 8.56
C GLU D 8 -43.58 -10.85 8.49
N LEU D 9 -43.08 -11.33 9.63
CA LEU D 9 -41.67 -11.66 9.78
C LEU D 9 -41.35 -13.13 9.58
N TYR D 10 -40.27 -13.40 8.86
CA TYR D 10 -39.82 -14.76 8.60
C TYR D 10 -38.43 -14.95 9.20
N VAL D 11 -38.32 -15.76 10.24
CA VAL D 11 -37.05 -15.97 10.90
C VAL D 11 -36.40 -17.29 10.48
N VAL D 12 -35.09 -17.23 10.26
CA VAL D 12 -34.30 -18.43 10.01
C VAL D 12 -33.21 -18.58 11.07
N VAL D 13 -33.11 -19.76 11.66
CA VAL D 13 -32.11 -20.02 12.68
C VAL D 13 -31.07 -21.03 12.18
N ASP D 14 -29.81 -20.60 12.15
CA ASP D 14 -28.74 -21.40 11.57
C ASP D 14 -28.35 -22.57 12.45
N ASN D 15 -27.43 -23.39 11.96
CA ASN D 15 -26.98 -24.57 12.67
C ASN D 15 -26.14 -24.24 13.90
N ALA D 16 -25.36 -23.16 13.82
CA ALA D 16 -24.55 -22.71 14.94
C ALA D 16 -25.40 -22.34 16.15
N GLU D 17 -26.48 -21.58 15.91
CA GLU D 17 -27.40 -21.20 16.97
C GLU D 17 -28.14 -22.42 17.52
N PHE D 18 -28.52 -23.33 16.63
CA PHE D 18 -29.18 -24.57 17.04
C PHE D 18 -28.30 -25.34 18.03
N GLN D 19 -27.05 -25.60 17.63
CA GLN D 19 -26.10 -26.31 18.46
C GLN D 19 -25.91 -25.64 19.82
N MET D 20 -25.99 -24.32 19.85
CA MET D 20 -25.72 -23.55 21.06
C MET D 20 -26.88 -23.56 22.04
N LEU D 21 -28.10 -23.67 21.52
CA LEU D 21 -29.29 -23.75 22.36
C LEU D 21 -29.62 -25.19 22.72
N GLY D 22 -29.20 -26.13 21.88
CA GLY D 22 -29.33 -27.55 22.21
C GLY D 22 -30.44 -28.29 21.48
N SER D 23 -31.67 -27.80 21.58
CA SER D 23 -32.81 -28.46 20.97
C SER D 23 -33.69 -27.49 20.21
N GLU D 24 -34.64 -28.02 19.44
CA GLU D 24 -35.56 -27.18 18.67
C GLU D 24 -36.56 -26.47 19.57
N ALA D 25 -36.96 -27.13 20.65
CA ALA D 25 -37.83 -26.52 21.64
C ALA D 25 -37.17 -25.27 22.21
N ALA D 26 -35.88 -25.38 22.51
CA ALA D 26 -35.11 -24.28 23.09
C ALA D 26 -35.03 -23.08 22.14
N VAL D 27 -34.96 -23.38 20.85
CA VAL D 27 -34.90 -22.35 19.82
C VAL D 27 -36.21 -21.60 19.68
N ARG D 28 -37.30 -22.35 19.47
CA ARG D 28 -38.63 -21.76 19.36
C ARG D 28 -38.89 -20.84 20.54
N HIS D 29 -38.53 -21.30 21.74
CA HIS D 29 -38.71 -20.52 22.95
C HIS D 29 -37.94 -19.21 22.92
N ARG D 30 -36.66 -19.28 22.56
CA ARG D 30 -35.84 -18.07 22.53
C ARG D 30 -36.24 -17.14 21.39
N VAL D 31 -36.65 -17.71 20.26
CA VAL D 31 -37.11 -16.91 19.12
C VAL D 31 -38.37 -16.12 19.47
N LEU D 32 -39.27 -16.73 20.22
CA LEU D 32 -40.52 -16.07 20.58
C LEU D 32 -40.29 -15.01 21.65
N GLU D 33 -39.22 -15.15 22.41
CA GLU D 33 -38.79 -14.11 23.35
C GLU D 33 -38.34 -12.92 22.53
N VAL D 34 -37.32 -13.16 21.71
CA VAL D 34 -36.77 -12.15 20.82
C VAL D 34 -37.85 -11.38 20.08
N VAL D 35 -38.65 -12.08 19.27
CA VAL D 35 -39.68 -11.44 18.47
C VAL D 35 -40.67 -10.66 19.32
N ASN D 36 -40.97 -11.18 20.51
CA ASN D 36 -41.88 -10.50 21.42
C ASN D 36 -41.34 -9.15 21.88
N HIS D 37 -40.03 -9.07 22.05
CA HIS D 37 -39.39 -7.84 22.50
C HIS D 37 -39.23 -6.84 21.35
N VAL D 38 -38.95 -7.35 20.16
CA VAL D 38 -38.87 -6.52 18.98
C VAL D 38 -40.24 -5.90 18.70
N ASP D 39 -41.27 -6.72 18.80
CA ASP D 39 -42.65 -6.25 18.64
C ASP D 39 -42.95 -5.13 19.63
N LYS D 40 -42.44 -5.27 20.84
CA LYS D 40 -42.66 -4.27 21.88
C LYS D 40 -41.95 -2.95 21.56
N LEU D 41 -40.77 -3.05 20.96
CA LEU D 41 -40.01 -1.88 20.58
C LEU D 41 -40.69 -1.10 19.46
N TYR D 42 -41.36 -1.83 18.58
CA TYR D 42 -41.97 -1.23 17.40
C TYR D 42 -43.41 -0.75 17.60
N GLN D 43 -44.01 -1.14 18.72
CA GLN D 43 -45.38 -0.68 19.01
C GLN D 43 -45.38 0.81 19.35
N LYS D 44 -44.22 1.33 19.72
CA LYS D 44 -44.07 2.75 20.00
C LYS D 44 -43.94 3.53 18.70
N LEU D 45 -44.06 2.83 17.57
CA LEU D 45 -44.03 3.46 16.26
C LEU D 45 -45.30 3.13 15.48
N ASN D 46 -46.33 2.68 16.20
CA ASN D 46 -47.56 2.20 15.58
C ASN D 46 -47.29 1.08 14.59
N PHE D 47 -46.37 0.19 14.96
CA PHE D 47 -45.96 -0.93 14.12
C PHE D 47 -46.09 -2.23 14.91
N ARG D 48 -46.53 -3.28 14.24
CA ARG D 48 -46.55 -4.60 14.87
C ARG D 48 -45.63 -5.54 14.10
N VAL D 49 -44.84 -6.32 14.83
CA VAL D 49 -43.97 -7.30 14.20
C VAL D 49 -44.48 -8.70 14.51
N VAL D 50 -44.87 -9.43 13.45
CA VAL D 50 -45.56 -10.71 13.61
C VAL D 50 -44.75 -11.87 13.07
N LEU D 51 -44.45 -12.85 13.92
CA LEU D 51 -43.76 -14.05 13.46
C LEU D 51 -44.74 -14.92 12.69
N VAL D 52 -44.47 -15.12 11.40
CA VAL D 52 -45.36 -15.90 10.55
C VAL D 52 -44.71 -17.16 9.99
N GLY D 53 -43.41 -17.32 10.24
CA GLY D 53 -42.68 -18.48 9.76
C GLY D 53 -41.34 -18.63 10.44
N LEU D 54 -40.90 -19.89 10.58
CA LEU D 54 -39.65 -20.18 11.26
C LEU D 54 -38.97 -21.42 10.70
N GLU D 55 -37.73 -21.25 10.24
CA GLU D 55 -36.93 -22.37 9.74
C GLU D 55 -35.75 -22.60 10.67
N ILE D 56 -35.60 -23.84 11.11
CA ILE D 56 -34.51 -24.21 12.01
C ILE D 56 -33.60 -25.24 11.34
N TRP D 57 -32.36 -24.85 11.08
CA TRP D 57 -31.41 -25.72 10.41
C TRP D 57 -30.72 -26.67 11.39
N ASN D 58 -31.45 -27.72 11.75
CA ASN D 58 -30.97 -28.70 12.73
C ASN D 58 -29.87 -29.62 12.20
N SER D 59 -29.73 -29.67 10.88
CA SER D 59 -28.75 -30.56 10.26
C SER D 59 -27.64 -29.79 9.57
N GLN D 60 -28.01 -29.07 8.51
CA GLN D 60 -27.04 -28.29 7.74
C GLN D 60 -27.68 -26.99 7.24
N ASP D 61 -26.85 -26.01 6.94
CA ASP D 61 -27.32 -24.72 6.46
C ASP D 61 -27.72 -24.73 4.98
N ARG D 62 -28.73 -23.94 4.64
CA ARG D 62 -29.18 -23.81 3.26
C ARG D 62 -28.21 -22.96 2.45
N PHE D 63 -27.39 -22.18 3.14
CA PHE D 63 -26.32 -21.43 2.49
C PHE D 63 -25.16 -21.19 3.45
N HIS D 64 -24.01 -20.78 2.91
CA HIS D 64 -22.85 -20.57 3.74
C HIS D 64 -23.00 -19.36 4.66
N VAL D 65 -22.96 -19.60 5.97
CA VAL D 65 -22.94 -18.52 6.94
C VAL D 65 -21.49 -18.21 7.27
N SER D 66 -21.04 -17.04 6.85
CA SER D 66 -19.64 -16.65 6.98
C SER D 66 -19.43 -15.73 8.17
N PRO D 67 -18.24 -15.77 8.77
CA PRO D 67 -17.89 -14.85 9.86
C PRO D 67 -17.97 -13.40 9.37
N ASP D 68 -17.78 -13.22 8.07
CA ASP D 68 -17.89 -11.90 7.45
C ASP D 68 -19.36 -11.53 7.27
N PRO D 69 -19.78 -10.44 7.91
CA PRO D 69 -21.18 -9.98 7.88
C PRO D 69 -21.67 -9.71 6.46
N SER D 70 -20.78 -9.26 5.57
CA SER D 70 -21.16 -8.90 4.22
C SER D 70 -21.47 -10.11 3.35
N VAL D 71 -20.54 -11.07 3.32
CA VAL D 71 -20.74 -12.28 2.53
C VAL D 71 -21.97 -13.05 3.02
N THR D 72 -22.22 -12.98 4.32
CA THR D 72 -23.34 -13.69 4.93
C THR D 72 -24.69 -13.06 4.60
N LEU D 73 -24.75 -11.74 4.55
CA LEU D 73 -25.96 -11.03 4.14
C LEU D 73 -26.27 -11.28 2.67
N GLU D 74 -25.21 -11.26 1.85
CA GLU D 74 -25.37 -11.49 0.42
C GLU D 74 -25.91 -12.90 0.17
N ASN D 75 -25.32 -13.88 0.84
CA ASN D 75 -25.79 -15.26 0.76
C ASN D 75 -27.24 -15.38 1.17
N LEU D 76 -27.66 -14.54 2.11
CA LEU D 76 -29.05 -14.55 2.56
C LEU D 76 -29.97 -13.98 1.50
N LEU D 77 -29.66 -12.77 1.03
CA LEU D 77 -30.48 -12.10 0.03
C LEU D 77 -30.49 -12.87 -1.28
N THR D 78 -29.39 -13.56 -1.56
CA THR D 78 -29.31 -14.42 -2.73
C THR D 78 -30.22 -15.61 -2.50
N TRP D 79 -30.04 -16.27 -1.37
CA TRP D 79 -30.82 -17.44 -1.04
C TRP D 79 -32.32 -17.17 -1.05
N GLN D 80 -32.75 -16.07 -0.42
CA GLN D 80 -34.17 -15.80 -0.31
C GLN D 80 -34.79 -15.34 -1.63
N ALA D 81 -33.99 -14.65 -2.44
CA ALA D 81 -34.45 -14.26 -3.77
C ALA D 81 -34.75 -15.51 -4.59
N ARG D 82 -33.90 -16.52 -4.47
CA ARG D 82 -34.09 -17.79 -5.16
C ARG D 82 -35.33 -18.50 -4.67
N GLN D 83 -35.51 -18.52 -3.35
CA GLN D 83 -36.62 -19.22 -2.72
C GLN D 83 -37.95 -18.52 -2.99
N ARG D 84 -37.92 -17.20 -3.14
CA ARG D 84 -39.13 -16.42 -3.35
C ARG D 84 -39.77 -16.64 -4.72
N THR D 85 -39.15 -17.48 -5.55
CA THR D 85 -39.68 -17.82 -6.86
C THR D 85 -40.55 -19.06 -6.78
N ARG D 86 -40.28 -19.89 -5.77
CA ARG D 86 -41.02 -21.13 -5.60
C ARG D 86 -41.90 -21.12 -4.35
N ARG D 87 -41.65 -20.17 -3.46
CA ARG D 87 -42.46 -20.05 -2.25
C ARG D 87 -42.42 -18.66 -1.62
N HIS D 88 -43.43 -18.35 -0.82
CA HIS D 88 -43.61 -17.03 -0.22
C HIS D 88 -42.85 -16.89 1.09
N LEU D 89 -42.05 -15.83 1.22
CA LEU D 89 -41.32 -15.56 2.46
C LEU D 89 -41.78 -14.25 3.11
N HIS D 90 -42.91 -13.72 2.64
CA HIS D 90 -43.55 -12.57 3.27
C HIS D 90 -42.77 -11.25 3.16
N ASP D 91 -42.92 -10.42 4.19
CA ASP D 91 -42.40 -9.05 4.15
C ASP D 91 -40.91 -8.95 4.41
N ASN D 92 -40.43 -9.68 5.42
CA ASN D 92 -39.04 -9.58 5.84
C ASN D 92 -38.48 -10.91 6.37
N VAL D 93 -37.19 -11.14 6.13
CA VAL D 93 -36.54 -12.37 6.56
C VAL D 93 -35.31 -12.06 7.42
N GLN D 94 -35.34 -12.51 8.66
CA GLN D 94 -34.24 -12.28 9.58
C GLN D 94 -33.53 -13.58 9.98
N LEU D 95 -32.25 -13.66 9.67
CA LEU D 95 -31.42 -14.79 10.11
C LEU D 95 -30.86 -14.56 11.50
N ILE D 96 -30.99 -15.57 12.36
CA ILE D 96 -30.36 -15.53 13.67
C ILE D 96 -29.25 -16.60 13.73
N THR D 97 -28.02 -16.16 13.90
CA THR D 97 -26.87 -17.04 13.80
C THR D 97 -26.05 -17.12 15.09
N GLY D 98 -25.42 -18.27 15.29
CA GLY D 98 -24.55 -18.48 16.44
C GLY D 98 -23.09 -18.31 16.07
N VAL D 99 -22.84 -18.06 14.79
CA VAL D 99 -21.50 -17.79 14.29
C VAL D 99 -21.00 -16.45 14.81
N ASP D 100 -19.72 -16.40 15.17
CA ASP D 100 -19.11 -15.19 15.68
C ASP D 100 -18.59 -14.31 14.54
N PHE D 101 -19.32 -13.23 14.26
CA PHE D 101 -18.94 -12.29 13.22
C PHE D 101 -17.60 -11.60 13.52
N THR D 102 -16.83 -11.34 12.47
CA THR D 102 -15.51 -10.73 12.63
C THR D 102 -15.59 -9.33 13.21
N GLY D 103 -14.72 -9.04 14.17
CA GLY D 103 -14.72 -7.77 14.85
C GLY D 103 -15.78 -7.76 15.93
N THR D 104 -16.44 -6.63 16.10
CA THR D 104 -17.50 -6.53 17.10
C THR D 104 -18.88 -6.40 16.46
N THR D 105 -18.91 -6.57 15.14
CA THR D 105 -20.15 -6.52 14.38
C THR D 105 -21.09 -7.66 14.77
N VAL D 106 -22.36 -7.34 15.01
CA VAL D 106 -23.34 -8.33 15.45
C VAL D 106 -24.58 -8.37 14.56
N GLY D 107 -24.65 -7.49 13.58
CA GLY D 107 -25.79 -7.42 12.70
C GLY D 107 -25.50 -6.64 11.43
N PHE D 108 -26.13 -7.06 10.34
CA PHE D 108 -25.93 -6.46 9.02
C PHE D 108 -27.25 -6.45 8.28
N ALA D 109 -27.52 -5.42 7.50
CA ALA D 109 -28.82 -5.30 6.85
C ALA D 109 -28.78 -4.63 5.47
N ARG D 110 -29.79 -4.96 4.66
CA ARG D 110 -29.98 -4.30 3.37
C ARG D 110 -30.86 -3.08 3.57
N VAL D 111 -30.34 -1.90 3.25
CA VAL D 111 -31.06 -0.66 3.50
C VAL D 111 -32.30 -0.49 2.60
N SER D 112 -33.40 -0.10 3.22
CA SER D 112 -34.64 0.20 2.50
C SER D 112 -35.11 -0.95 1.64
N ALA D 113 -34.89 -2.18 2.09
CA ALA D 113 -35.27 -3.36 1.32
C ALA D 113 -36.60 -3.97 1.75
N MET D 114 -37.22 -3.41 2.78
CA MET D 114 -38.49 -3.93 3.25
C MET D 114 -39.49 -4.09 2.11
N CYS D 115 -40.04 -5.30 1.97
CA CYS D 115 -41.06 -5.62 0.98
C CYS D 115 -40.51 -6.09 -0.37
N SER D 116 -39.25 -5.79 -0.62
CA SER D 116 -38.58 -6.26 -1.84
C SER D 116 -38.18 -7.71 -1.68
N HIS D 117 -37.69 -8.31 -2.76
CA HIS D 117 -37.22 -9.69 -2.70
C HIS D 117 -35.82 -9.75 -2.11
N SER D 118 -35.32 -8.58 -1.71
CA SER D 118 -34.03 -8.49 -1.05
C SER D 118 -34.24 -8.02 0.39
N SER D 119 -35.44 -8.25 0.91
CA SER D 119 -35.79 -7.84 2.26
C SER D 119 -35.25 -8.82 3.29
N GLY D 120 -34.12 -8.46 3.91
CA GLY D 120 -33.51 -9.34 4.90
C GLY D 120 -32.35 -8.73 5.67
N ALA D 121 -31.94 -9.42 6.73
CA ALA D 121 -30.81 -9.00 7.54
C ALA D 121 -30.25 -10.18 8.33
N VAL D 122 -29.04 -10.03 8.84
CA VAL D 122 -28.41 -11.11 9.62
C VAL D 122 -28.08 -10.64 11.04
N ASN D 123 -28.33 -11.52 12.00
CA ASN D 123 -28.18 -11.18 13.41
C ASN D 123 -27.42 -12.24 14.17
N GLN D 124 -26.45 -11.82 14.98
CA GLN D 124 -25.75 -12.76 15.84
C GLN D 124 -26.32 -12.75 17.25
N ASP D 125 -26.62 -13.93 17.77
CA ASP D 125 -27.04 -14.07 19.17
C ASP D 125 -25.82 -13.88 20.07
N HIS D 126 -25.50 -12.62 20.34
CA HIS D 126 -24.26 -12.29 21.02
C HIS D 126 -24.42 -12.23 22.53
N SER D 127 -25.67 -12.26 22.99
CA SER D 127 -25.95 -12.02 24.40
C SER D 127 -26.77 -13.15 25.01
N LYS D 128 -26.45 -13.51 26.24
CA LYS D 128 -27.22 -14.50 26.98
C LYS D 128 -28.67 -14.04 27.10
N ASN D 129 -28.85 -12.75 27.37
CA ASN D 129 -30.18 -12.15 27.38
C ASN D 129 -30.71 -11.98 25.98
N PRO D 130 -31.87 -12.61 25.68
CA PRO D 130 -32.49 -12.57 24.35
C PRO D 130 -32.79 -11.14 23.90
N VAL D 131 -32.83 -10.20 24.84
CA VAL D 131 -33.01 -8.80 24.49
C VAL D 131 -31.83 -8.28 23.67
N GLY D 132 -30.66 -8.88 23.87
CA GLY D 132 -29.47 -8.52 23.14
C GLY D 132 -29.62 -8.63 21.63
N VAL D 133 -30.04 -9.80 21.16
CA VAL D 133 -30.23 -10.03 19.72
C VAL D 133 -31.57 -9.48 19.25
N ALA D 134 -32.49 -9.26 20.18
CA ALA D 134 -33.77 -8.62 19.84
C ALA D 134 -33.55 -7.15 19.48
N CYS D 135 -32.65 -6.49 20.21
CA CYS D 135 -32.30 -5.11 19.92
C CYS D 135 -31.55 -4.99 18.59
N THR D 136 -30.63 -5.91 18.35
CA THR D 136 -29.92 -5.96 17.07
C THR D 136 -30.90 -6.11 15.91
N MET D 137 -31.84 -7.03 16.04
CA MET D 137 -32.81 -7.29 14.99
C MET D 137 -33.67 -6.07 14.72
N ALA D 138 -34.10 -5.40 15.79
CA ALA D 138 -34.92 -4.20 15.63
C ALA D 138 -34.11 -3.13 14.91
N HIS D 139 -32.82 -3.04 15.24
CA HIS D 139 -31.92 -2.11 14.57
C HIS D 139 -31.83 -2.42 13.08
N GLU D 140 -31.49 -3.67 12.77
CA GLU D 140 -31.35 -4.11 11.37
C GLU D 140 -32.68 -4.02 10.61
N MET D 141 -33.78 -4.34 11.29
CA MET D 141 -35.10 -4.18 10.66
C MET D 141 -35.37 -2.69 10.41
N GLY D 142 -34.75 -1.83 11.20
CA GLY D 142 -34.86 -0.40 11.03
C GLY D 142 -34.22 0.10 9.75
N HIS D 143 -33.04 -0.43 9.45
CA HIS D 143 -32.37 -0.18 8.19
C HIS D 143 -33.23 -0.63 7.01
N ASN D 144 -33.76 -1.86 7.10
CA ASN D 144 -34.69 -2.36 6.09
C ASN D 144 -35.84 -1.38 5.89
N LEU D 145 -36.21 -0.66 6.94
CA LEU D 145 -37.30 0.31 6.87
C LEU D 145 -36.80 1.72 6.54
N GLY D 146 -35.58 1.83 6.06
CA GLY D 146 -35.05 3.10 5.60
C GLY D 146 -34.46 4.00 6.66
N MET D 147 -34.16 3.44 7.84
CA MET D 147 -33.55 4.20 8.93
C MET D 147 -32.02 4.21 8.84
N ASP D 148 -31.44 5.37 9.11
CA ASP D 148 -29.99 5.56 9.12
C ASP D 148 -29.54 5.62 10.59
N HIS D 149 -28.24 5.56 10.82
CA HIS D 149 -27.72 5.67 12.19
C HIS D 149 -27.93 7.09 12.71
N ASP D 150 -28.10 7.22 14.02
CA ASP D 150 -28.39 8.51 14.64
C ASP D 150 -27.25 9.50 14.47
N GLU D 151 -26.02 9.00 14.41
CA GLU D 151 -24.87 9.88 14.26
C GLU D 151 -24.81 10.47 12.86
N ASN D 152 -25.50 9.83 11.92
CA ASN D 152 -25.48 10.26 10.51
C ASN D 152 -26.55 11.28 10.18
N VAL D 153 -27.28 11.72 11.20
CA VAL D 153 -28.33 12.70 11.03
C VAL D 153 -28.10 13.90 11.95
N GLN D 154 -27.60 15.00 11.39
CA GLN D 154 -27.25 16.17 12.17
C GLN D 154 -28.41 16.68 13.02
N GLY D 155 -28.12 16.93 14.30
CA GLY D 155 -29.11 17.51 15.20
C GLY D 155 -30.14 16.52 15.69
N CYS D 156 -29.93 15.25 15.37
CA CYS D 156 -30.84 14.18 15.77
C CYS D 156 -30.96 14.10 17.28
N ARG D 157 -32.18 14.24 17.80
CA ARG D 157 -32.38 14.14 19.24
C ARG D 157 -33.00 12.81 19.65
N CYS D 158 -32.43 12.23 20.70
CA CYS D 158 -32.95 11.00 21.28
C CYS D 158 -33.60 11.32 22.62
N GLN D 159 -34.74 10.70 22.89
CA GLN D 159 -35.49 10.99 24.11
C GLN D 159 -35.17 10.00 25.24
N GLU D 160 -34.01 9.35 25.16
CA GLU D 160 -33.57 8.46 26.23
C GLU D 160 -33.02 9.28 27.40
N ARG D 161 -33.75 9.28 28.51
N ARG D 161 -33.74 9.30 28.50
CA ARG D 161 -33.38 10.07 29.68
CA ARG D 161 -33.36 10.07 29.67
C ARG D 161 -32.31 9.39 30.53
C ARG D 161 -32.23 9.40 30.46
N PHE D 162 -32.20 8.07 30.40
CA PHE D 162 -31.28 7.29 31.22
C PHE D 162 -29.95 6.94 30.52
N GLU D 163 -29.15 6.13 31.21
CA GLU D 163 -27.86 5.67 30.71
C GLU D 163 -27.11 6.72 29.88
N ALA D 164 -26.81 6.38 28.63
CA ALA D 164 -26.00 7.25 27.79
C ALA D 164 -26.86 8.14 26.90
N GLY D 165 -28.18 7.96 27.00
CA GLY D 165 -29.11 8.73 26.19
C GLY D 165 -29.03 8.35 24.71
N ARG D 166 -28.68 7.10 24.44
CA ARG D 166 -28.55 6.64 23.07
C ARG D 166 -29.73 5.74 22.70
N CYS D 167 -30.10 5.74 21.42
CA CYS D 167 -31.30 5.04 20.97
C CYS D 167 -30.99 3.79 20.15
N ILE D 168 -32.03 3.17 19.62
CA ILE D 168 -31.91 1.92 18.88
C ILE D 168 -31.02 2.03 17.64
N MET D 169 -31.14 3.12 16.90
CA MET D 169 -30.40 3.23 15.64
C MET D 169 -28.99 3.81 15.83
N ALA D 170 -28.47 3.73 17.04
CA ALA D 170 -27.08 4.08 17.27
C ALA D 170 -26.22 3.03 16.57
N GLY D 171 -25.08 3.45 16.03
CA GLY D 171 -24.22 2.54 15.30
C GLY D 171 -23.47 1.60 16.21
N SER D 172 -23.64 1.81 17.51
CA SER D 172 -23.00 0.99 18.54
C SER D 172 -24.00 0.72 19.66
N ILE D 173 -23.99 -0.49 20.19
CA ILE D 173 -24.84 -0.81 21.34
C ILE D 173 -24.25 -0.19 22.60
N GLY D 174 -22.96 -0.39 22.82
CA GLY D 174 -22.33 0.09 24.03
C GLY D 174 -22.68 -0.81 25.20
N SER D 175 -22.63 -0.23 26.40
CA SER D 175 -22.83 -0.99 27.63
C SER D 175 -24.28 -1.27 28.00
N SER D 176 -25.23 -0.59 27.35
CA SER D 176 -26.65 -0.78 27.68
C SER D 176 -27.54 -0.95 26.44
N PHE D 177 -28.37 -1.98 26.45
CA PHE D 177 -29.32 -2.21 25.36
C PHE D 177 -30.25 -1.00 25.16
N PRO D 178 -30.48 -0.62 23.89
CA PRO D 178 -31.36 0.50 23.52
C PRO D 178 -32.82 0.15 23.76
N ARG D 179 -33.65 1.14 24.06
CA ARG D 179 -35.06 0.90 24.39
C ARG D 179 -36.05 1.67 23.52
N MET D 180 -35.58 2.73 22.88
N MET D 180 -35.57 2.74 22.90
CA MET D 180 -36.46 3.54 22.04
CA MET D 180 -36.44 3.60 22.09
C MET D 180 -35.77 4.07 20.80
C MET D 180 -35.77 4.07 20.80
N PHE D 181 -36.57 4.54 19.85
CA PHE D 181 -36.06 5.10 18.61
C PHE D 181 -36.04 6.61 18.74
N SER D 182 -34.98 7.25 18.25
CA SER D 182 -34.86 8.70 18.31
C SER D 182 -35.83 9.37 17.34
N ASP D 183 -35.87 10.70 17.36
CA ASP D 183 -36.80 11.44 16.51
C ASP D 183 -36.46 11.29 15.02
N CYS D 184 -35.20 11.03 14.72
N CYS D 184 -35.18 11.05 14.73
CA CYS D 184 -34.75 10.87 13.34
CA CYS D 184 -34.73 10.87 13.37
C CYS D 184 -35.03 9.48 12.78
C CYS D 184 -35.19 9.51 12.81
N SER D 185 -35.15 8.49 13.66
CA SER D 185 -35.55 7.15 13.24
C SER D 185 -37.01 7.20 12.82
N GLN D 186 -37.83 7.85 13.63
CA GLN D 186 -39.27 7.93 13.38
C GLN D 186 -39.57 8.66 12.08
N ALA D 187 -38.95 9.83 11.90
CA ALA D 187 -39.12 10.64 10.69
C ALA D 187 -38.78 9.87 9.41
N TYR D 188 -37.64 9.18 9.43
CA TYR D 188 -37.20 8.38 8.29
C TYR D 188 -38.17 7.23 7.99
N LEU D 189 -38.76 6.65 9.03
CA LEU D 189 -39.71 5.57 8.84
C LEU D 189 -40.96 6.10 8.14
N GLU D 190 -41.35 7.32 8.48
CA GLU D 190 -42.53 7.93 7.86
C GLU D 190 -42.27 8.18 6.38
N SER D 191 -41.07 8.64 6.05
CA SER D 191 -40.70 8.92 4.67
C SER D 191 -40.63 7.64 3.88
N PHE D 192 -40.15 6.58 4.51
CA PHE D 192 -40.09 5.27 3.86
C PHE D 192 -41.47 4.80 3.47
N LEU D 193 -42.45 5.04 4.34
CA LEU D 193 -43.82 4.63 4.07
C LEU D 193 -44.45 5.44 2.95
N GLU D 194 -43.69 6.38 2.38
CA GLU D 194 -44.15 7.12 1.21
C GLU D 194 -43.85 6.32 -0.04
N ARG D 195 -42.95 5.35 0.08
CA ARG D 195 -42.57 4.51 -1.04
C ARG D 195 -43.66 3.54 -1.43
N PRO D 196 -43.97 3.46 -2.74
CA PRO D 196 -44.97 2.52 -3.25
C PRO D 196 -44.67 1.10 -2.78
N GLN D 197 -43.40 0.80 -2.62
CA GLN D 197 -42.97 -0.54 -2.23
C GLN D 197 -43.43 -0.90 -0.82
N SER D 198 -43.59 0.11 0.04
CA SER D 198 -43.99 -0.12 1.42
C SER D 198 -45.43 -0.59 1.55
N VAL D 199 -46.05 -0.93 0.41
CA VAL D 199 -47.46 -1.31 0.41
C VAL D 199 -47.69 -2.63 1.15
N CYS D 200 -46.70 -3.51 1.14
CA CYS D 200 -46.84 -4.82 1.77
C CYS D 200 -46.92 -4.73 3.29
N LEU D 201 -46.73 -3.54 3.84
CA LEU D 201 -46.86 -3.33 5.28
C LEU D 201 -48.31 -2.96 5.63
N ALA D 202 -49.18 -3.00 4.63
CA ALA D 202 -50.56 -2.54 4.80
C ALA D 202 -51.50 -3.59 5.35
N ASN D 203 -51.30 -4.85 4.96
CA ASN D 203 -52.24 -5.90 5.30
C ASN D 203 -52.20 -6.33 6.76
N ALA D 204 -53.38 -6.42 7.38
CA ALA D 204 -53.51 -6.92 8.73
C ALA D 204 -53.44 -8.44 8.72
N PRO D 205 -52.50 -9.01 9.47
CA PRO D 205 -52.25 -10.47 9.54
C PRO D 205 -53.37 -11.23 10.26
N ASP D 206 -53.58 -12.47 9.85
CA ASP D 206 -54.60 -13.34 10.45
C ASP D 206 -54.01 -14.64 10.95
N LEU D 207 -54.50 -15.11 12.10
CA LEU D 207 -54.06 -16.39 12.65
C LEU D 207 -54.59 -17.54 11.81
N SER D 208 -53.72 -18.11 10.98
CA SER D 208 -54.13 -19.18 10.08
C SER D 208 -52.91 -19.86 9.45
#